data_1VH3
#
_entry.id   1VH3
#
_cell.length_a   177.480
_cell.length_b   48.281
_cell.length_c   96.488
_cell.angle_alpha   90.00
_cell.angle_beta   90.00
_cell.angle_gamma   90.00
#
_symmetry.space_group_name_H-M   'P 21 21 2'
#
loop_
_entity.id
_entity.type
_entity.pdbx_description
1 polymer '3-deoxy-manno-octulosonate cytidylyltransferase'
2 non-polymer "CYTIDINE 5'-MONOPHOSPHATE 3-DEOXY-BETA-D-GULO-OCT-2-ULO-PYRANOSONIC ACID"
3 water water
#
_entity_poly.entity_id   1
_entity_poly.type   'polypeptide(L)'
_entity_poly.pdbx_seq_one_letter_code
;(MSE)SFTVIIPARFASSRLPGKPLADIKGKP(MSE)IQHVFEKALQSGASRVIIATDNENVADVAKSFGAEVC(MSE)T
SVNHNSGTERLAEVVEKLAIPDNEIIVNIQGDEPLIPPVIVRQVADNLAKFNVN(MSE)ASLAVKIHDAEELFNPNAVKV
LTDKDGYVLYFSRSVIPYDRDQF(MSE)NLQDVQKVQLSDAYLRHIGIYAYRAGFIKQYVQWAPTQLENLEKLEQLRVLY
NGERIHVELAKEVPAVGVDTAEDLEKVRAILAANGSHHHHHH
;
_entity_poly.pdbx_strand_id   A,B,C
#
# COMPACT_ATOMS: atom_id res chain seq x y z
N SER A 2 26.04 5.16 9.60
CA SER A 2 27.20 5.21 8.71
C SER A 2 26.88 5.87 7.39
N PHE A 3 25.98 6.86 7.38
CA PHE A 3 25.55 7.52 6.19
C PHE A 3 26.54 8.42 5.48
N THR A 4 26.19 8.70 4.22
CA THR A 4 26.88 9.62 3.34
C THR A 4 25.94 10.79 3.06
N VAL A 5 26.39 12.04 3.08
CA VAL A 5 25.48 13.13 2.74
C VAL A 5 25.71 13.70 1.35
N ILE A 6 24.62 13.86 0.58
CA ILE A 6 24.72 14.57 -0.69
C ILE A 6 23.85 15.83 -0.67
N ILE A 7 24.45 16.98 -0.95
CA ILE A 7 23.71 18.25 -1.01
C ILE A 7 23.52 18.66 -2.47
N PRO A 8 22.31 18.53 -2.98
CA PRO A 8 22.00 18.96 -4.34
C PRO A 8 22.08 20.48 -4.40
N ALA A 9 22.87 21.03 -5.31
CA ALA A 9 23.10 22.47 -5.32
C ALA A 9 23.02 23.10 -6.69
N ARG A 10 21.81 23.32 -7.16
CA ARG A 10 21.54 23.90 -8.49
C ARG A 10 21.63 25.41 -8.48
N PRO A 28 27.80 31.95 2.30
CA PRO A 28 27.38 31.07 1.21
C PRO A 28 26.45 29.98 1.68
N ILE A 30 25.20 27.14 0.61
CA ILE A 30 25.67 25.76 0.54
C ILE A 30 26.69 25.44 1.60
N GLN A 31 27.64 26.34 1.85
CA GLN A 31 28.65 26.12 2.88
C GLN A 31 28.05 25.86 4.25
N HIS A 32 26.97 26.56 4.61
CA HIS A 32 26.31 26.33 5.89
C HIS A 32 25.69 24.94 5.94
N VAL A 33 25.04 24.57 4.83
CA VAL A 33 24.46 23.21 4.78
C VAL A 33 25.61 22.22 4.92
N PHE A 34 26.67 22.50 4.15
CA PHE A 34 27.89 21.74 4.19
C PHE A 34 28.44 21.58 5.59
N GLU A 35 28.69 22.69 6.29
CA GLU A 35 29.22 22.59 7.65
C GLU A 35 28.23 21.98 8.61
N LYS A 36 26.93 22.29 8.49
CA LYS A 36 25.95 21.61 9.35
C LYS A 36 26.01 20.11 9.07
N ALA A 37 26.27 19.74 7.81
CA ALA A 37 26.38 18.34 7.43
C ALA A 37 27.56 17.68 8.12
N LEU A 38 28.69 18.37 8.18
CA LEU A 38 29.88 17.81 8.84
C LEU A 38 29.61 17.44 10.27
N GLN A 39 28.88 18.25 11.00
CA GLN A 39 28.50 17.95 12.37
C GLN A 39 27.62 16.71 12.46
N SER A 40 26.91 16.35 11.40
CA SER A 40 25.98 15.25 11.41
C SER A 40 26.63 13.92 11.78
N GLY A 41 27.91 13.77 11.46
CA GLY A 41 28.60 12.49 11.68
C GLY A 41 28.64 11.73 10.34
N ALA A 42 28.28 12.47 9.28
CA ALA A 42 28.33 11.85 7.94
C ALA A 42 29.78 11.42 7.71
N SER A 43 29.98 10.31 7.02
CA SER A 43 31.35 9.82 6.80
C SER A 43 31.82 10.24 5.42
N ARG A 44 30.95 11.05 4.81
CA ARG A 44 31.15 11.58 3.48
C ARG A 44 30.05 12.59 3.16
N VAL A 45 30.45 13.76 2.71
CA VAL A 45 29.54 14.83 2.36
C VAL A 45 29.91 15.36 0.97
N ILE A 46 29.04 15.16 0.00
CA ILE A 46 29.28 15.57 -1.38
C ILE A 46 28.37 16.71 -1.80
N ILE A 47 28.88 17.73 -2.46
CA ILE A 47 28.06 18.78 -3.04
C ILE A 47 27.74 18.38 -4.50
N ALA A 48 26.47 18.19 -4.78
CA ALA A 48 26.04 17.86 -6.15
C ALA A 48 25.62 19.15 -6.86
N THR A 49 26.33 19.50 -7.94
CA THR A 49 26.02 20.72 -8.65
C THR A 49 26.04 20.51 -10.17
N ASP A 50 25.65 21.57 -10.88
CA ASP A 50 25.58 21.51 -12.33
C ASP A 50 26.23 22.77 -12.91
N ASN A 51 27.03 23.42 -12.08
CA ASN A 51 27.67 24.66 -12.46
C ASN A 51 29.10 24.75 -11.95
N GLU A 52 30.02 25.15 -12.84
CA GLU A 52 31.42 25.27 -12.53
C GLU A 52 31.69 26.28 -11.41
N ASN A 53 30.96 27.40 -11.45
CA ASN A 53 31.12 28.42 -10.43
C ASN A 53 30.77 27.87 -9.05
N VAL A 54 29.71 27.06 -8.96
CA VAL A 54 29.36 26.48 -7.66
C VAL A 54 30.36 25.39 -7.30
N ALA A 55 30.80 24.62 -8.29
CA ALA A 55 31.78 23.58 -8.04
C ALA A 55 33.06 24.16 -7.44
N ASP A 56 33.63 25.18 -8.05
CA ASP A 56 34.85 25.83 -7.58
C ASP A 56 34.68 26.46 -6.19
N VAL A 57 33.58 27.18 -6.01
CA VAL A 57 33.25 27.79 -4.72
C VAL A 57 33.16 26.68 -3.68
N ALA A 58 32.42 25.62 -3.99
CA ALA A 58 32.30 24.49 -3.08
C ALA A 58 33.68 23.90 -2.78
N LYS A 59 34.49 23.71 -3.82
CA LYS A 59 35.84 23.21 -3.63
C LYS A 59 36.67 24.14 -2.75
N SER A 60 36.38 25.45 -2.80
CA SER A 60 37.08 26.41 -1.97
C SER A 60 36.85 26.22 -0.49
N PHE A 61 35.81 25.51 -0.05
CA PHE A 61 35.67 25.25 1.38
C PHE A 61 35.95 23.80 1.73
N GLY A 62 36.74 23.11 0.93
CA GLY A 62 37.17 21.77 1.17
C GLY A 62 36.14 20.69 0.96
N ALA A 63 35.37 20.76 -0.11
CA ALA A 63 34.33 19.82 -0.41
C ALA A 63 34.61 18.91 -1.61
N GLU A 64 34.14 17.67 -1.47
CA GLU A 64 34.13 16.76 -2.62
C GLU A 64 32.95 17.25 -3.48
N VAL A 65 33.13 17.42 -4.76
CA VAL A 65 32.07 17.93 -5.63
C VAL A 65 31.72 16.93 -6.72
N CYS A 66 30.47 16.90 -7.17
CA CYS A 66 30.13 16.05 -8.31
C CYS A 66 29.40 16.91 -9.35
N THR A 68 27.04 17.54 -12.34
CA THR A 68 25.89 16.82 -12.86
C THR A 68 25.26 17.64 -13.98
N SER A 69 24.33 17.05 -14.73
CA SER A 69 23.77 17.83 -15.84
C SER A 69 22.68 18.77 -15.38
N VAL A 70 22.33 19.70 -16.27
CA VAL A 70 21.25 20.64 -15.98
C VAL A 70 19.92 19.89 -15.95
N ASN A 71 19.87 18.87 -16.78
CA ASN A 71 18.77 18.02 -17.02
C ASN A 71 18.37 17.09 -15.89
N HIS A 72 17.87 17.63 -14.81
CA HIS A 72 17.29 17.05 -13.64
C HIS A 72 16.25 18.01 -13.05
N ASN A 73 15.05 17.53 -12.80
CA ASN A 73 14.04 18.44 -12.23
C ASN A 73 13.93 18.31 -10.73
N SER A 74 14.88 17.64 -10.06
CA SER A 74 14.80 17.50 -8.63
C SER A 74 16.14 17.03 -8.04
N GLY A 75 16.31 17.34 -6.74
CA GLY A 75 17.49 16.90 -6.03
C GLY A 75 17.62 15.38 -6.10
N THR A 76 16.50 14.69 -5.83
CA THR A 76 16.52 13.23 -5.89
C THR A 76 17.03 12.75 -7.24
N GLU A 77 16.52 13.37 -8.32
CA GLU A 77 16.96 13.03 -9.66
C GLU A 77 18.46 13.27 -9.85
N ARG A 78 18.97 14.41 -9.38
CA ARG A 78 20.40 14.70 -9.47
C ARG A 78 21.21 13.68 -8.66
N LEU A 79 20.73 13.31 -7.48
CA LEU A 79 21.44 12.33 -6.66
C LEU A 79 21.62 11.03 -7.41
N ALA A 80 20.59 10.57 -8.10
CA ALA A 80 20.70 9.39 -8.94
C ALA A 80 21.98 9.44 -9.77
N GLU A 81 22.19 10.50 -10.56
CA GLU A 81 23.42 10.58 -11.35
C GLU A 81 24.66 10.54 -10.45
N VAL A 82 24.64 11.26 -9.34
CA VAL A 82 25.75 11.27 -8.40
C VAL A 82 26.12 9.88 -7.91
N VAL A 83 25.13 9.06 -7.55
CA VAL A 83 25.43 7.71 -7.07
C VAL A 83 25.99 6.86 -8.19
N GLU A 84 25.65 7.15 -9.44
CA GLU A 84 26.17 6.39 -10.57
C GLU A 84 27.62 6.75 -10.82
N LYS A 85 27.85 8.05 -11.01
CA LYS A 85 29.15 8.59 -11.31
C LYS A 85 30.20 8.21 -10.28
N LEU A 86 29.86 8.25 -9.00
CA LEU A 86 30.80 7.93 -7.93
C LEU A 86 30.82 6.47 -7.54
N ALA A 87 29.97 5.65 -8.13
CA ALA A 87 29.90 4.24 -7.78
C ALA A 87 29.47 4.04 -6.33
N ILE A 88 28.57 4.89 -5.81
CA ILE A 88 28.12 4.65 -4.44
C ILE A 88 27.38 3.30 -4.41
N PRO A 89 27.84 2.38 -3.61
CA PRO A 89 27.20 1.08 -3.48
C PRO A 89 25.72 1.22 -3.15
N ASP A 90 24.90 0.40 -3.81
CA ASP A 90 23.47 0.34 -3.63
C ASP A 90 22.99 0.50 -2.20
N ASN A 91 23.57 -0.25 -1.27
CA ASN A 91 23.22 -0.29 0.12
C ASN A 91 23.64 0.91 0.94
N GLU A 92 24.55 1.75 0.45
CA GLU A 92 24.96 2.92 1.22
C GLU A 92 23.75 3.80 1.51
N ILE A 93 23.63 4.26 2.75
CA ILE A 93 22.55 5.16 3.12
C ILE A 93 22.93 6.59 2.68
N ILE A 94 22.11 7.17 1.83
CA ILE A 94 22.32 8.55 1.40
C ILE A 94 21.29 9.48 2.03
N VAL A 95 21.81 10.56 2.60
CA VAL A 95 20.96 11.58 3.20
C VAL A 95 21.03 12.85 2.36
N ASN A 96 19.96 13.09 1.61
CA ASN A 96 19.88 14.31 0.79
C ASN A 96 19.49 15.45 1.73
N ILE A 97 20.36 16.44 1.83
CA ILE A 97 20.06 17.64 2.59
C ILE A 97 19.97 18.80 1.59
N GLN A 98 18.75 19.09 1.18
CA GLN A 98 18.56 20.15 0.17
C GLN A 98 19.38 21.35 0.56
N GLY A 99 20.17 21.88 -0.37
CA GLY A 99 21.10 22.94 -0.21
C GLY A 99 20.57 24.27 0.29
N ASP A 100 19.30 24.32 0.62
CA ASP A 100 18.54 25.41 1.13
C ASP A 100 18.03 25.18 2.54
N GLU A 101 18.74 24.42 3.39
CA GLU A 101 18.16 24.16 4.69
C GLU A 101 18.58 25.10 5.80
N PRO A 102 17.57 25.85 6.27
CA PRO A 102 17.64 26.84 7.30
C PRO A 102 18.54 26.44 8.44
N LEU A 103 18.18 25.37 9.14
CA LEU A 103 19.14 24.87 10.13
C LEU A 103 18.80 23.41 10.39
N ILE A 104 19.85 22.68 10.76
CA ILE A 104 19.69 21.26 11.02
C ILE A 104 20.51 20.89 12.25
N PRO A 105 19.83 20.75 13.37
CA PRO A 105 20.53 20.14 14.53
C PRO A 105 21.08 18.85 13.93
N PRO A 106 22.38 18.77 13.73
CA PRO A 106 23.01 17.67 13.02
C PRO A 106 22.61 16.32 13.54
N VAL A 107 22.39 16.22 14.85
CA VAL A 107 21.90 15.03 15.50
C VAL A 107 20.70 14.43 14.79
N ILE A 108 19.76 15.25 14.32
CA ILE A 108 18.59 14.75 13.61
C ILE A 108 18.97 13.94 12.38
N VAL A 109 19.89 14.44 11.57
CA VAL A 109 20.38 13.73 10.40
C VAL A 109 20.65 12.27 10.70
N ARG A 110 21.35 11.97 11.79
CA ARG A 110 21.57 10.58 12.19
C ARG A 110 20.26 9.86 12.44
N GLN A 111 19.29 10.53 13.04
CA GLN A 111 17.98 9.95 13.32
C GLN A 111 17.31 9.44 12.05
N VAL A 112 17.06 10.35 11.10
CA VAL A 112 16.41 9.95 9.86
C VAL A 112 17.11 8.76 9.21
N ALA A 113 18.42 8.83 9.09
CA ALA A 113 19.21 7.77 8.48
C ALA A 113 18.94 6.41 9.10
N ASP A 114 18.92 6.33 10.43
CA ASP A 114 18.60 5.09 11.12
C ASP A 114 17.13 4.72 11.02
N ASN A 115 16.25 5.67 10.75
CA ASN A 115 14.82 5.38 10.59
C ASN A 115 14.51 4.45 9.45
N LEU A 116 15.33 4.39 8.40
CA LEU A 116 15.12 3.47 7.30
C LEU A 116 14.88 2.05 7.79
N ALA A 117 15.78 1.53 8.62
CA ALA A 117 15.63 0.20 9.17
C ALA A 117 14.70 0.20 10.38
N LYS A 118 14.73 1.28 11.17
CA LYS A 118 13.85 1.32 12.35
C LYS A 118 12.42 1.05 11.90
N PHE A 119 11.91 1.92 11.01
CA PHE A 119 10.55 1.82 10.54
C PHE A 119 10.39 1.08 9.23
N ASN A 120 11.39 0.31 8.82
CA ASN A 120 11.28 -0.53 7.63
C ASN A 120 10.67 0.19 6.43
N VAL A 121 11.37 1.17 5.90
CA VAL A 121 10.96 1.91 4.73
C VAL A 121 12.17 2.26 3.83
N ASN A 122 11.90 2.48 2.55
CA ASN A 122 12.92 2.85 1.60
C ASN A 122 13.20 4.34 1.58
N ALA A 124 13.20 7.78 4.34
CA ALA A 124 12.89 8.42 5.62
C ALA A 124 13.03 9.94 5.52
N SER A 125 12.27 10.65 6.33
CA SER A 125 12.37 12.10 6.30
C SER A 125 12.00 12.70 7.65
N LEU A 126 11.90 14.03 7.69
CA LEU A 126 11.68 14.75 8.92
C LEU A 126 10.66 15.86 8.79
N ALA A 127 10.08 16.28 9.91
CA ALA A 127 9.14 17.38 9.94
C ALA A 127 9.30 18.21 11.22
N VAL A 128 8.66 19.37 11.24
CA VAL A 128 8.74 20.27 12.40
C VAL A 128 7.37 20.80 12.74
N LYS A 129 7.07 20.89 14.03
CA LYS A 129 5.74 21.37 14.46
C LYS A 129 5.55 22.82 14.05
N ILE A 130 4.52 23.13 13.28
CA ILE A 130 4.21 24.50 12.89
C ILE A 130 3.76 25.34 14.08
N HIS A 131 4.33 26.53 14.27
CA HIS A 131 3.92 27.38 15.39
C HIS A 131 3.24 28.65 14.94
N ASP A 132 3.43 29.07 13.70
CA ASP A 132 2.71 30.23 13.17
C ASP A 132 1.67 29.73 12.18
N ALA A 133 0.41 30.11 12.33
CA ALA A 133 -0.64 29.63 11.44
C ALA A 133 -0.52 30.20 10.03
N GLU A 134 0.18 31.32 9.88
CA GLU A 134 0.35 31.92 8.56
C GLU A 134 1.04 30.99 7.58
N GLU A 135 1.92 30.10 8.07
CA GLU A 135 2.60 29.17 7.18
C GLU A 135 1.77 27.95 6.82
N LEU A 136 0.72 27.69 7.59
CA LEU A 136 -0.25 26.66 7.23
C LEU A 136 -0.76 26.95 5.82
N PHE A 137 -1.06 28.23 5.60
CA PHE A 137 -1.61 28.70 4.35
C PHE A 137 -0.57 29.23 3.37
N ASN A 138 0.70 29.00 3.62
CA ASN A 138 1.76 29.39 2.66
C ASN A 138 2.12 28.19 1.80
N PRO A 139 1.91 28.33 0.50
CA PRO A 139 2.17 27.28 -0.46
C PRO A 139 3.63 26.93 -0.64
N ASN A 140 4.54 27.75 -0.11
CA ASN A 140 5.95 27.41 -0.08
C ASN A 140 6.31 26.76 1.25
N ALA A 141 5.35 26.66 2.14
CA ALA A 141 5.57 25.90 3.39
C ALA A 141 4.82 24.56 3.17
N VAL A 142 5.58 23.52 2.93
CA VAL A 142 5.01 22.22 2.61
C VAL A 142 4.49 21.53 3.88
N LYS A 143 3.21 21.16 3.79
CA LYS A 143 2.54 20.51 4.88
C LYS A 143 2.59 18.99 4.77
N VAL A 144 2.84 18.37 5.93
CA VAL A 144 2.90 16.90 5.94
C VAL A 144 2.05 16.38 7.11
N LEU A 145 1.57 15.17 6.99
CA LEU A 145 0.69 14.54 7.98
C LEU A 145 0.92 13.05 7.93
N THR A 146 0.99 12.40 9.08
CA THR A 146 1.37 10.99 9.14
C THR A 146 0.33 10.16 9.88
N ASP A 147 0.60 8.86 9.95
CA ASP A 147 -0.30 7.98 10.73
C ASP A 147 0.24 7.95 12.16
N LYS A 148 -0.22 7.04 13.00
CA LYS A 148 0.25 6.98 14.37
C LYS A 148 1.71 6.65 14.53
N ASP A 149 2.32 6.04 13.52
CA ASP A 149 3.73 5.65 13.60
C ASP A 149 4.67 6.55 12.83
N GLY A 150 4.16 7.56 12.12
CA GLY A 150 5.05 8.43 11.34
C GLY A 150 5.04 8.04 9.87
N TYR A 151 4.14 7.15 9.48
CA TYR A 151 4.05 6.79 8.06
C TYR A 151 3.22 7.87 7.36
N VAL A 152 3.87 8.54 6.42
CA VAL A 152 3.19 9.65 5.76
C VAL A 152 1.92 9.22 5.05
N LEU A 153 0.90 10.05 5.21
CA LEU A 153 -0.36 9.90 4.50
C LEU A 153 -0.30 10.76 3.24
N TYR A 154 0.23 11.99 3.41
CA TYR A 154 0.30 12.89 2.27
C TYR A 154 1.09 14.16 2.52
N PHE A 155 1.71 14.71 1.49
CA PHE A 155 2.41 15.98 1.56
C PHE A 155 1.65 16.94 0.62
N SER A 156 1.57 18.20 0.97
CA SER A 156 0.85 19.12 0.09
C SER A 156 1.27 20.56 0.37
N ARG A 157 1.04 21.40 -0.63
CA ARG A 157 1.28 22.85 -0.46
C ARG A 157 0.01 23.46 0.13
N SER A 158 -1.06 22.68 0.05
CA SER A 158 -2.32 23.01 0.66
C SER A 158 -2.34 22.58 2.13
N VAL A 159 -3.06 23.37 2.93
CA VAL A 159 -3.14 23.07 4.34
C VAL A 159 -3.82 21.71 4.55
N ILE A 160 -3.13 20.79 5.19
CA ILE A 160 -3.60 19.50 5.63
C ILE A 160 -3.04 19.23 7.03
N PRO A 161 -3.89 18.76 7.92
CA PRO A 161 -5.27 18.46 7.62
C PRO A 161 -6.13 19.71 7.53
N TYR A 162 -7.36 19.49 7.04
CA TYR A 162 -8.31 20.61 6.95
C TYR A 162 -9.11 20.69 8.25
N ASP A 163 -9.18 21.88 8.82
CA ASP A 163 -9.96 22.05 10.06
C ASP A 163 -11.33 22.60 9.69
N ARG A 164 -12.27 21.70 9.37
CA ARG A 164 -13.56 22.17 8.92
C ARG A 164 -14.15 23.25 9.81
N ASP A 165 -14.23 23.00 11.12
CA ASP A 165 -14.83 23.97 12.01
C ASP A 165 -14.15 25.30 12.08
N GLN A 166 -12.85 25.41 11.90
CA GLN A 166 -12.15 26.69 12.00
C GLN A 166 -11.96 27.39 10.66
N PHE A 167 -11.92 26.64 9.56
CA PHE A 167 -11.67 27.24 8.27
C PHE A 167 -12.95 27.57 7.52
N ASN A 169 -15.56 29.44 6.42
CA ASN A 169 -15.79 30.85 6.46
C ASN A 169 -14.91 31.55 7.50
N LEU A 170 -13.62 31.29 7.33
CA LEU A 170 -12.51 31.76 8.10
C LEU A 170 -12.05 33.13 7.59
N GLN A 171 -11.93 34.10 8.47
CA GLN A 171 -11.55 35.45 8.05
C GLN A 171 -10.19 35.87 8.58
N ASP A 172 -9.82 35.40 9.76
CA ASP A 172 -8.57 35.81 10.37
C ASP A 172 -7.65 34.63 10.66
N VAL A 173 -6.48 34.60 10.01
CA VAL A 173 -5.49 33.55 10.20
C VAL A 173 -4.99 33.49 11.64
N GLN A 174 -5.15 34.58 12.38
CA GLN A 174 -4.76 34.66 13.76
C GLN A 174 -5.80 34.23 14.76
N LYS A 175 -6.97 33.80 14.33
CA LYS A 175 -7.98 33.24 15.25
C LYS A 175 -7.77 31.73 15.33
N VAL A 176 -6.98 31.26 14.38
CA VAL A 176 -6.70 29.86 14.18
C VAL A 176 -5.83 29.24 15.26
N GLN A 177 -6.35 28.18 15.83
CA GLN A 177 -5.71 27.43 16.90
C GLN A 177 -5.10 26.14 16.34
N LEU A 178 -3.79 26.09 16.23
CA LEU A 178 -3.06 24.93 15.74
C LEU A 178 -2.89 23.93 16.88
N SER A 179 -3.84 23.09 17.18
CA SER A 179 -3.78 22.23 18.35
C SER A 179 -2.81 21.07 18.18
N ASP A 180 -1.53 21.34 17.97
CA ASP A 180 -0.52 20.36 17.71
C ASP A 180 -0.82 19.43 16.55
N ALA A 181 -1.66 19.85 15.64
CA ALA A 181 -2.10 19.05 14.53
C ALA A 181 -1.21 19.20 13.32
N TYR A 182 -0.63 20.38 13.16
CA TYR A 182 0.10 20.72 11.95
C TYR A 182 1.58 20.49 11.99
N LEU A 183 2.09 20.07 10.84
CA LEU A 183 3.47 19.70 10.66
C LEU A 183 4.03 20.28 9.36
N ARG A 184 5.20 20.88 9.41
CA ARG A 184 5.85 21.46 8.24
C ARG A 184 7.02 20.56 7.83
N HIS A 185 7.00 20.09 6.60
CA HIS A 185 7.99 19.17 6.08
C HIS A 185 9.35 19.82 5.87
N ILE A 186 10.42 19.15 6.29
CA ILE A 186 11.76 19.68 6.11
C ILE A 186 12.47 18.93 4.99
N GLY A 187 13.27 19.64 4.19
CA GLY A 187 13.95 19.08 3.05
C GLY A 187 15.12 18.18 3.36
N ILE A 188 14.91 17.08 4.06
CA ILE A 188 15.95 16.11 4.34
C ILE A 188 15.41 14.71 4.10
N TYR A 189 16.03 13.99 3.18
CA TYR A 189 15.63 12.63 2.86
C TYR A 189 16.72 11.65 3.29
N ALA A 190 16.34 10.43 3.60
CA ALA A 190 17.34 9.39 3.90
C ALA A 190 16.95 8.19 3.04
N TYR A 191 17.87 7.73 2.21
CA TYR A 191 17.56 6.61 1.32
C TYR A 191 18.84 5.95 0.82
N ARG A 192 18.84 4.64 0.69
CA ARG A 192 20.01 3.94 0.18
C ARG A 192 20.14 4.21 -1.32
N ALA A 193 21.37 4.30 -1.78
CA ALA A 193 21.68 4.61 -3.18
C ALA A 193 20.76 3.85 -4.12
N GLY A 194 20.67 2.53 -3.97
CA GLY A 194 19.78 1.72 -4.76
C GLY A 194 18.39 2.28 -4.88
N PHE A 195 17.76 2.79 -3.82
CA PHE A 195 16.43 3.37 -3.94
C PHE A 195 16.41 4.60 -4.83
N ILE A 196 17.42 5.45 -4.73
CA ILE A 196 17.48 6.64 -5.57
C ILE A 196 17.52 6.19 -7.03
N LYS A 197 18.22 5.09 -7.26
CA LYS A 197 18.28 4.53 -8.61
C LYS A 197 16.91 4.04 -9.04
N GLN A 198 16.16 3.40 -8.15
CA GLN A 198 14.82 2.94 -8.42
C GLN A 198 13.85 4.10 -8.60
N TYR A 199 13.94 5.07 -7.69
CA TYR A 199 13.13 6.27 -7.73
C TYR A 199 13.08 6.86 -9.15
N VAL A 200 14.30 6.99 -9.69
CA VAL A 200 14.44 7.57 -11.03
C VAL A 200 14.14 6.58 -12.12
N GLN A 201 13.91 5.32 -11.78
CA GLN A 201 13.48 4.31 -12.75
C GLN A 201 11.96 4.39 -12.94
N TRP A 202 11.31 5.19 -12.09
CA TRP A 202 9.89 5.43 -12.16
C TRP A 202 9.61 6.62 -13.08
N ALA A 203 8.49 6.58 -13.78
CA ALA A 203 8.13 7.72 -14.62
C ALA A 203 7.69 8.85 -13.68
N PRO A 204 7.97 10.09 -14.07
CA PRO A 204 7.50 11.25 -13.34
C PRO A 204 5.98 11.19 -13.22
N THR A 205 5.40 11.66 -12.13
CA THR A 205 3.96 11.52 -11.95
C THR A 205 3.19 12.79 -12.19
N GLN A 206 1.90 12.68 -12.52
CA GLN A 206 1.11 13.91 -12.67
C GLN A 206 1.04 14.61 -11.31
N LEU A 207 0.84 13.78 -10.29
CA LEU A 207 0.80 14.21 -8.90
C LEU A 207 2.02 15.00 -8.49
N GLU A 208 3.23 14.49 -8.65
CA GLU A 208 4.43 15.24 -8.29
C GLU A 208 4.55 16.54 -9.09
N ASN A 209 4.05 16.51 -10.32
CA ASN A 209 4.15 17.66 -11.19
C ASN A 209 3.11 18.72 -10.95
N LEU A 210 1.97 18.38 -10.36
CA LEU A 210 0.97 19.43 -10.09
C LEU A 210 1.43 20.23 -8.86
N GLU A 211 1.83 19.50 -7.82
CA GLU A 211 2.24 20.09 -6.55
C GLU A 211 3.70 20.50 -6.53
N LYS A 212 4.49 20.01 -7.47
CA LYS A 212 5.92 20.32 -7.53
C LYS A 212 6.58 19.91 -6.21
N LEU A 213 6.53 18.60 -6.01
CA LEU A 213 7.05 18.02 -4.76
C LEU A 213 7.48 16.58 -5.11
N GLU A 214 8.77 16.42 -5.29
CA GLU A 214 9.45 15.20 -5.66
C GLU A 214 9.07 14.01 -4.83
N GLN A 215 8.86 14.18 -3.53
CA GLN A 215 8.50 13.07 -2.66
C GLN A 215 7.24 12.37 -3.10
N LEU A 216 6.31 13.02 -3.80
CA LEU A 216 5.07 12.39 -4.21
C LEU A 216 5.19 11.28 -5.20
N ARG A 217 6.32 11.07 -5.87
CA ARG A 217 6.51 9.90 -6.72
C ARG A 217 6.60 8.62 -5.90
N VAL A 218 7.16 8.65 -4.71
CA VAL A 218 7.27 7.48 -3.85
C VAL A 218 5.89 7.06 -3.37
N LEU A 219 5.08 8.01 -2.86
CA LEU A 219 3.73 7.71 -2.42
C LEU A 219 2.88 7.19 -3.58
N TYR A 220 2.96 7.83 -4.74
CA TYR A 220 2.18 7.42 -5.88
C TYR A 220 2.52 6.03 -6.36
N ASN A 221 3.77 5.61 -6.21
CA ASN A 221 4.19 4.28 -6.63
C ASN A 221 3.95 3.23 -5.55
N GLY A 222 3.05 3.50 -4.60
CA GLY A 222 2.65 2.62 -3.57
C GLY A 222 3.69 2.31 -2.50
N GLU A 223 4.77 3.05 -2.51
CA GLU A 223 5.91 2.95 -1.58
C GLU A 223 5.59 3.79 -0.35
N ARG A 224 6.05 3.44 0.85
CA ARG A 224 5.75 4.28 1.99
C ARG A 224 6.92 5.13 2.44
N ILE A 225 6.61 6.23 3.12
CA ILE A 225 7.57 7.17 3.64
C ILE A 225 7.42 7.38 5.14
N HIS A 226 8.55 7.46 5.86
CA HIS A 226 8.51 7.73 7.28
C HIS A 226 8.95 9.15 7.59
N VAL A 227 8.11 9.85 8.36
CA VAL A 227 8.44 11.22 8.74
C VAL A 227 8.49 11.35 10.26
N GLU A 228 9.68 11.63 10.76
CA GLU A 228 9.98 11.78 12.17
C GLU A 228 9.80 13.22 12.62
N LEU A 229 9.39 13.40 13.86
CA LEU A 229 9.26 14.74 14.42
C LEU A 229 10.53 15.11 15.20
N SER B 2 -22.08 -11.73 -1.85
CA SER B 2 -22.78 -11.95 -0.59
C SER B 2 -22.46 -10.86 0.43
N PHE B 3 -23.36 -9.87 0.53
CA PHE B 3 -23.17 -8.79 1.47
C PHE B 3 -24.50 -8.27 2.04
N THR B 4 -24.40 -7.63 3.19
CA THR B 4 -25.55 -7.01 3.84
C THR B 4 -25.44 -5.50 3.70
N VAL B 5 -26.56 -4.80 3.53
CA VAL B 5 -26.53 -3.35 3.47
C VAL B 5 -27.09 -2.73 4.75
N ILE B 6 -26.25 -1.95 5.45
CA ILE B 6 -26.72 -1.19 6.60
C ILE B 6 -26.78 0.29 6.25
N ILE B 7 -27.88 0.95 6.60
CA ILE B 7 -28.04 2.35 6.25
C ILE B 7 -28.12 3.26 7.46
N PRO B 8 -27.12 4.10 7.62
CA PRO B 8 -27.04 5.05 8.71
C PRO B 8 -27.95 6.25 8.45
N ALA B 9 -28.82 6.56 9.41
CA ALA B 9 -29.76 7.68 9.20
C ALA B 9 -29.98 8.48 10.48
N ARG B 10 -29.01 9.31 10.84
CA ARG B 10 -29.13 10.13 12.06
C ARG B 10 -30.09 11.28 11.81
N PHE B 11 -31.03 11.49 12.72
CA PHE B 11 -32.02 12.54 12.59
C PHE B 11 -31.42 13.93 12.71
N ALA B 12 -30.73 14.18 13.82
CA ALA B 12 -30.12 15.46 14.08
C ALA B 12 -29.62 16.14 12.81
N ARG B 15 -28.27 22.48 10.11
CA ARG B 15 -27.95 22.29 8.69
C ARG B 15 -29.17 21.79 7.91
N LEU B 16 -29.42 20.49 7.92
CA LEU B 16 -30.62 19.94 7.28
C LEU B 16 -31.31 19.00 8.27
N PRO B 17 -31.91 19.56 9.30
CA PRO B 17 -32.59 18.78 10.33
C PRO B 17 -33.71 17.96 9.73
N GLY B 18 -33.94 16.78 10.31
CA GLY B 18 -34.97 15.87 9.78
C GLY B 18 -34.68 15.57 8.31
N LYS B 19 -33.39 15.29 8.03
CA LYS B 19 -32.97 15.00 6.67
C LYS B 19 -33.39 13.63 6.21
N PRO B 20 -33.38 12.63 7.09
CA PRO B 20 -33.87 11.31 6.75
C PRO B 20 -35.28 11.35 6.18
N LEU B 21 -36.14 12.23 6.70
CA LEU B 21 -37.51 12.31 6.24
C LEU B 21 -37.79 13.44 5.27
N ALA B 22 -36.79 14.25 4.92
CA ALA B 22 -37.03 15.33 3.95
C ALA B 22 -37.68 14.74 2.71
N ASP B 23 -38.83 15.25 2.29
CA ASP B 23 -39.49 14.68 1.10
C ASP B 23 -38.76 15.13 -0.16
N ILE B 24 -38.31 14.17 -0.96
CA ILE B 24 -37.61 14.50 -2.21
C ILE B 24 -38.62 14.65 -3.33
N LYS B 25 -38.93 13.54 -4.01
CA LYS B 25 -40.00 13.60 -5.04
C LYS B 25 -41.33 13.31 -4.32
N GLY B 26 -41.76 12.07 -4.38
CA GLY B 26 -42.96 11.65 -3.64
C GLY B 26 -42.53 10.66 -2.56
N LYS B 27 -41.64 11.08 -1.67
CA LYS B 27 -41.15 10.18 -0.62
C LYS B 27 -40.08 10.83 0.26
N PRO B 28 -39.95 10.33 1.48
CA PRO B 28 -38.92 10.77 2.42
C PRO B 28 -37.56 10.29 1.95
N ILE B 30 -34.84 8.93 3.06
CA ILE B 30 -34.31 7.61 3.40
C ILE B 30 -34.99 6.50 2.65
N GLN B 31 -36.28 6.63 2.30
CA GLN B 31 -36.95 5.60 1.50
C GLN B 31 -36.21 5.43 0.17
N HIS B 32 -35.78 6.54 -0.40
CA HIS B 32 -34.98 6.53 -1.62
C HIS B 32 -33.81 5.56 -1.49
N VAL B 33 -32.84 5.93 -0.65
CA VAL B 33 -31.69 5.10 -0.38
C VAL B 33 -32.07 3.65 -0.13
N PHE B 34 -33.15 3.43 0.62
CA PHE B 34 -33.63 2.09 0.90
C PHE B 34 -33.93 1.33 -0.39
N GLU B 35 -34.70 1.97 -1.27
CA GLU B 35 -35.05 1.32 -2.55
C GLU B 35 -33.79 0.87 -3.27
N LYS B 36 -32.90 1.83 -3.54
CA LYS B 36 -31.65 1.58 -4.21
C LYS B 36 -30.90 0.39 -3.63
N ALA B 37 -30.77 0.37 -2.30
CA ALA B 37 -30.11 -0.72 -1.61
C ALA B 37 -30.71 -2.06 -2.05
N LEU B 38 -32.04 -2.13 -2.03
CA LEU B 38 -32.76 -3.32 -2.47
C LEU B 38 -32.44 -3.66 -3.91
N GLN B 39 -32.31 -2.65 -4.77
CA GLN B 39 -31.94 -2.84 -6.16
C GLN B 39 -30.52 -3.38 -6.35
N SER B 40 -29.78 -3.64 -5.30
CA SER B 40 -28.44 -4.26 -5.40
C SER B 40 -28.55 -5.73 -5.01
N GLY B 41 -27.46 -6.48 -5.06
CA GLY B 41 -27.52 -7.89 -4.69
C GLY B 41 -27.48 -8.14 -3.21
N ALA B 42 -27.99 -7.22 -2.38
CA ALA B 42 -27.96 -7.41 -0.95
C ALA B 42 -28.97 -8.48 -0.53
N SER B 43 -28.48 -9.39 0.30
CA SER B 43 -29.29 -10.45 0.87
C SER B 43 -30.04 -9.93 2.11
N ARG B 44 -29.78 -8.67 2.45
CA ARG B 44 -30.38 -8.03 3.60
C ARG B 44 -30.15 -6.52 3.50
N VAL B 45 -31.07 -5.73 4.00
CA VAL B 45 -30.99 -4.28 4.02
C VAL B 45 -31.49 -3.78 5.39
N ILE B 46 -30.55 -3.38 6.22
CA ILE B 46 -30.86 -2.87 7.55
C ILE B 46 -30.83 -1.35 7.56
N ILE B 47 -31.73 -0.73 8.29
CA ILE B 47 -31.76 0.72 8.46
C ILE B 47 -31.42 1.01 9.95
N ALA B 48 -30.30 1.69 10.16
CA ALA B 48 -29.86 2.01 11.51
C ALA B 48 -30.23 3.46 11.83
N THR B 49 -31.09 3.67 12.82
CA THR B 49 -31.47 5.05 13.16
C THR B 49 -31.41 5.33 14.64
N ASP B 50 -31.61 6.59 15.00
CA ASP B 50 -31.57 7.08 16.37
C ASP B 50 -32.80 7.93 16.66
N ASN B 51 -33.85 7.68 15.88
CA ASN B 51 -35.07 8.48 16.00
C ASN B 51 -36.31 7.65 15.69
N GLU B 52 -37.36 7.85 16.49
CA GLU B 52 -38.58 7.08 16.36
C GLU B 52 -39.44 7.46 15.18
N ASN B 53 -39.72 8.75 14.95
CA ASN B 53 -40.49 9.07 13.72
C ASN B 53 -39.82 8.32 12.56
N VAL B 54 -38.53 8.59 12.40
CA VAL B 54 -37.74 7.88 11.40
C VAL B 54 -38.01 6.38 11.49
N ALA B 55 -37.71 5.73 12.61
CA ALA B 55 -38.00 4.31 12.78
C ALA B 55 -39.33 3.94 12.12
N ASP B 56 -40.43 4.44 12.67
CA ASP B 56 -41.78 4.21 12.18
C ASP B 56 -41.87 4.42 10.68
N VAL B 57 -41.68 5.64 10.21
CA VAL B 57 -41.66 5.91 8.77
C VAL B 57 -40.93 4.80 8.02
N ALA B 58 -39.69 4.54 8.40
CA ALA B 58 -38.91 3.47 7.81
C ALA B 58 -39.67 2.15 7.88
N LYS B 59 -39.95 1.67 9.09
CA LYS B 59 -40.68 0.43 9.28
C LYS B 59 -41.92 0.38 8.39
N SER B 60 -42.72 1.44 8.41
CA SER B 60 -43.92 1.49 7.57
C SER B 60 -43.63 1.09 6.13
N PHE B 61 -42.68 1.75 5.48
CA PHE B 61 -42.37 1.48 4.08
C PHE B 61 -41.69 0.14 3.83
N GLY B 62 -41.49 -0.69 4.83
CA GLY B 62 -41.01 -2.03 4.71
C GLY B 62 -39.56 -2.31 4.90
N ALA B 63 -38.89 -1.72 5.91
CA ALA B 63 -37.47 -1.96 6.09
C ALA B 63 -37.14 -2.69 7.38
N GLU B 64 -36.07 -3.50 7.36
CA GLU B 64 -35.58 -4.09 8.60
C GLU B 64 -34.80 -2.96 9.32
N VAL B 65 -35.24 -2.66 10.54
CA VAL B 65 -34.69 -1.56 11.29
C VAL B 65 -33.93 -1.97 12.53
N CYS B 66 -32.83 -1.24 12.75
CA CYS B 66 -32.05 -1.46 13.97
C CYS B 66 -31.78 -0.12 14.66
N THR B 68 -30.27 2.51 17.03
CA THR B 68 -28.93 2.69 17.57
C THR B 68 -28.85 3.96 18.42
N SER B 69 -27.78 4.09 19.21
CA SER B 69 -27.61 5.21 20.08
C SER B 69 -27.50 6.56 19.39
N VAL B 70 -28.06 7.58 20.03
CA VAL B 70 -27.92 8.96 19.56
C VAL B 70 -26.50 9.48 19.78
N ASN B 71 -25.70 8.80 20.59
CA ASN B 71 -24.38 9.20 20.95
C ASN B 71 -23.32 8.77 19.94
N HIS B 72 -23.72 8.22 18.80
CA HIS B 72 -22.73 7.82 17.81
C HIS B 72 -22.34 9.07 17.00
N ASN B 73 -21.06 9.18 16.69
CA ASN B 73 -20.53 10.31 15.96
C ASN B 73 -20.37 10.04 14.48
N SER B 74 -20.79 8.85 14.02
CA SER B 74 -20.66 8.52 12.62
C SER B 74 -21.37 7.24 12.21
N GLY B 75 -21.52 7.10 10.88
CA GLY B 75 -22.13 5.90 10.32
C GLY B 75 -21.37 4.66 10.74
N THR B 76 -20.03 4.73 10.71
CA THR B 76 -19.24 3.54 11.07
C THR B 76 -19.41 3.19 12.52
N GLU B 77 -19.23 4.16 13.41
CA GLU B 77 -19.42 3.91 14.85
C GLU B 77 -20.80 3.30 15.09
N ARG B 78 -21.81 3.81 14.39
CA ARG B 78 -23.18 3.37 14.52
C ARG B 78 -23.41 1.96 14.02
N LEU B 79 -22.70 1.56 12.95
CA LEU B 79 -22.88 0.20 12.43
C LEU B 79 -22.24 -0.82 13.35
N ALA B 80 -21.27 -0.39 14.15
CA ALA B 80 -20.64 -1.29 15.12
C ALA B 80 -21.69 -1.71 16.14
N GLU B 81 -22.59 -0.79 16.50
CA GLU B 81 -23.71 -1.12 17.37
C GLU B 81 -24.63 -2.15 16.70
N VAL B 82 -25.08 -1.79 15.49
CA VAL B 82 -25.95 -2.66 14.70
C VAL B 82 -25.36 -4.06 14.60
N VAL B 83 -24.15 -4.15 14.06
CA VAL B 83 -23.49 -5.43 13.86
C VAL B 83 -23.44 -6.23 15.15
N GLU B 84 -23.19 -5.57 16.27
CA GLU B 84 -23.07 -6.20 17.57
C GLU B 84 -24.42 -6.65 18.11
N LYS B 85 -25.48 -5.92 17.81
CA LYS B 85 -26.80 -6.25 18.34
C LYS B 85 -27.63 -7.09 17.41
N LEU B 86 -27.41 -6.98 16.09
CA LEU B 86 -28.11 -7.89 15.16
C LEU B 86 -27.26 -9.16 15.02
N ALA B 87 -26.13 -9.16 15.71
CA ALA B 87 -25.17 -10.20 15.80
C ALA B 87 -24.58 -10.66 14.47
N ILE B 88 -24.44 -9.75 13.50
CA ILE B 88 -23.86 -10.19 12.21
C ILE B 88 -22.47 -10.75 12.41
N PRO B 89 -22.15 -11.85 11.75
CA PRO B 89 -20.86 -12.49 11.85
C PRO B 89 -19.75 -11.63 11.30
N ASP B 90 -18.53 -11.79 11.80
CA ASP B 90 -17.37 -11.03 11.41
C ASP B 90 -17.10 -11.08 9.91
N ASN B 91 -17.25 -12.24 9.31
CA ASN B 91 -17.04 -12.48 7.91
C ASN B 91 -18.03 -11.73 7.02
N GLU B 92 -19.23 -11.48 7.52
CA GLU B 92 -20.23 -10.77 6.76
C GLU B 92 -19.72 -9.42 6.23
N ILE B 93 -19.83 -9.28 4.90
CA ILE B 93 -19.43 -8.06 4.26
C ILE B 93 -20.57 -7.05 4.38
N ILE B 94 -20.29 -5.88 4.94
CA ILE B 94 -21.31 -4.84 5.02
C ILE B 94 -21.04 -3.72 4.04
N VAL B 95 -22.10 -3.28 3.35
CA VAL B 95 -21.91 -2.09 2.52
C VAL B 95 -22.66 -0.94 3.20
N ASN B 96 -21.86 0.01 3.68
CA ASN B 96 -22.38 1.21 4.33
C ASN B 96 -22.83 2.17 3.24
N ILE B 97 -24.13 2.41 3.17
CA ILE B 97 -24.64 3.36 2.19
C ILE B 97 -25.22 4.57 2.95
N GLN B 98 -24.46 5.67 2.95
CA GLN B 98 -24.95 6.83 3.70
C GLN B 98 -26.33 7.22 3.25
N GLY B 99 -27.17 7.60 4.23
CA GLY B 99 -28.53 7.98 4.03
C GLY B 99 -28.71 9.31 3.33
N ASP B 100 -27.60 9.95 2.98
CA ASP B 100 -27.58 11.20 2.27
C ASP B 100 -27.33 11.01 0.78
N GLU B 101 -27.15 9.77 0.32
CA GLU B 101 -26.95 9.52 -1.12
C GLU B 101 -28.18 8.81 -1.68
N PRO B 102 -29.19 9.55 -2.07
CA PRO B 102 -30.47 9.01 -2.51
C PRO B 102 -30.49 8.66 -3.99
N LEU B 103 -29.72 9.41 -4.77
CA LEU B 103 -29.60 9.10 -6.19
C LEU B 103 -28.34 8.27 -6.44
N ILE B 104 -28.08 7.28 -5.59
CA ILE B 104 -26.91 6.44 -5.73
C ILE B 104 -27.21 5.20 -6.56
N PRO B 105 -26.50 5.07 -7.68
CA PRO B 105 -26.66 3.96 -8.60
C PRO B 105 -26.44 2.61 -7.94
N PRO B 106 -27.40 1.71 -8.08
CA PRO B 106 -27.36 0.41 -7.48
C PRO B 106 -26.21 -0.47 -7.89
N VAL B 107 -25.61 -0.26 -9.05
CA VAL B 107 -24.51 -1.11 -9.50
C VAL B 107 -23.27 -0.94 -8.63
N ILE B 108 -22.98 0.31 -8.28
CA ILE B 108 -21.78 0.62 -7.53
C ILE B 108 -21.76 -0.02 -6.15
N VAL B 109 -22.92 -0.38 -5.58
CA VAL B 109 -22.93 -1.10 -4.31
C VAL B 109 -22.11 -2.38 -4.42
N ARG B 110 -22.50 -3.28 -5.31
CA ARG B 110 -21.77 -4.53 -5.55
C ARG B 110 -20.31 -4.25 -5.90
N GLN B 111 -20.11 -3.20 -6.71
CA GLN B 111 -18.77 -2.76 -7.04
C GLN B 111 -17.89 -2.73 -5.79
N VAL B 112 -18.24 -1.91 -4.79
CA VAL B 112 -17.45 -1.85 -3.58
C VAL B 112 -17.33 -3.16 -2.85
N ALA B 113 -18.40 -3.91 -2.60
CA ALA B 113 -18.24 -5.17 -1.85
C ALA B 113 -17.16 -6.04 -2.49
N ASP B 114 -17.18 -6.14 -3.81
CA ASP B 114 -16.22 -6.84 -4.62
C ASP B 114 -14.79 -6.36 -4.46
N ASN B 115 -14.56 -5.05 -4.49
CA ASN B 115 -13.23 -4.47 -4.38
C ASN B 115 -12.49 -4.87 -3.12
N LEU B 116 -13.21 -5.24 -2.08
CA LEU B 116 -12.67 -5.70 -0.82
C LEU B 116 -11.76 -6.91 -1.01
N ALA B 117 -12.26 -7.90 -1.76
CA ALA B 117 -11.50 -9.13 -2.01
C ALA B 117 -10.46 -8.92 -3.10
N LYS B 118 -10.85 -8.20 -4.14
CA LYS B 118 -9.94 -7.95 -5.27
C LYS B 118 -8.66 -7.28 -4.76
N PHE B 119 -8.79 -6.04 -4.31
CA PHE B 119 -7.64 -5.33 -3.72
C PHE B 119 -7.54 -5.82 -2.29
N ASN B 120 -6.39 -6.15 -1.77
CA ASN B 120 -6.30 -6.76 -0.44
C ASN B 120 -6.64 -5.82 0.68
N VAL B 121 -7.89 -5.39 0.84
CA VAL B 121 -8.23 -4.38 1.81
C VAL B 121 -9.40 -4.74 2.70
N ASN B 122 -9.47 -4.13 3.88
CA ASN B 122 -10.58 -4.33 4.81
C ASN B 122 -11.57 -3.16 4.69
N ALA B 124 -13.01 -0.55 1.52
CA ALA B 124 -13.00 -0.14 0.12
C ALA B 124 -14.05 0.92 -0.09
N SER B 125 -13.74 1.94 -0.90
CA SER B 125 -14.77 2.98 -1.12
C SER B 125 -14.76 3.38 -2.58
N LEU B 126 -15.56 4.37 -2.97
CA LEU B 126 -15.63 4.75 -4.37
C LEU B 126 -15.59 6.26 -4.55
N ALA B 127 -15.32 6.70 -5.79
CA ALA B 127 -15.30 8.12 -6.10
C ALA B 127 -15.68 8.42 -7.55
N VAL B 128 -15.96 9.69 -7.81
CA VAL B 128 -16.22 10.23 -9.11
C VAL B 128 -15.24 11.39 -9.40
N LYS B 129 -15.08 11.70 -10.67
CA LYS B 129 -14.18 12.79 -11.03
C LYS B 129 -14.83 14.12 -10.68
N ILE B 130 -13.98 15.12 -10.51
CA ILE B 130 -14.41 16.50 -10.32
C ILE B 130 -13.92 17.26 -11.55
N HIS B 131 -14.82 17.95 -12.22
CA HIS B 131 -14.47 18.73 -13.40
C HIS B 131 -14.51 20.22 -13.09
N ASP B 132 -15.42 20.59 -12.19
CA ASP B 132 -15.62 22.00 -11.87
C ASP B 132 -14.74 22.44 -10.70
N ALA B 133 -14.10 23.60 -10.87
CA ALA B 133 -13.27 24.18 -9.83
C ALA B 133 -14.09 24.49 -8.59
N GLU B 134 -15.27 25.07 -8.80
CA GLU B 134 -16.17 25.42 -7.71
C GLU B 134 -16.36 24.27 -6.73
N GLU B 135 -16.50 23.05 -7.22
CA GLU B 135 -16.66 21.87 -6.39
C GLU B 135 -15.39 21.49 -5.64
N LEU B 136 -14.25 21.59 -6.29
CA LEU B 136 -12.97 21.23 -5.70
C LEU B 136 -12.68 22.06 -4.46
N PHE B 137 -12.98 23.35 -4.56
CA PHE B 137 -12.72 24.31 -3.52
C PHE B 137 -13.78 24.28 -2.41
N ASN B 138 -14.88 23.59 -2.68
CA ASN B 138 -15.91 23.53 -1.63
C ASN B 138 -15.46 22.52 -0.58
N PRO B 139 -15.34 22.98 0.65
CA PRO B 139 -14.93 22.13 1.76
C PRO B 139 -15.93 21.03 2.05
N ASN B 140 -17.19 21.24 1.65
CA ASN B 140 -18.21 20.22 1.83
C ASN B 140 -17.97 18.98 0.96
N ALA B 141 -17.21 19.14 -0.10
CA ALA B 141 -16.88 18.07 -1.02
C ALA B 141 -15.55 17.42 -0.66
N VAL B 142 -15.62 16.20 -0.14
CA VAL B 142 -14.44 15.43 0.21
C VAL B 142 -13.65 15.01 -1.02
N LYS B 143 -12.42 15.51 -1.09
CA LYS B 143 -11.49 15.09 -2.15
C LYS B 143 -10.80 13.80 -1.72
N VAL B 144 -10.35 12.99 -2.68
CA VAL B 144 -9.56 11.82 -2.31
C VAL B 144 -8.45 11.59 -3.33
N LEU B 145 -7.31 11.16 -2.88
CA LEU B 145 -6.11 10.93 -3.65
C LEU B 145 -5.68 9.48 -3.49
N THR B 146 -5.10 8.97 -4.56
CA THR B 146 -4.79 7.53 -4.64
C THR B 146 -3.44 7.27 -5.23
N ASP B 147 -2.89 6.09 -4.96
CA ASP B 147 -1.58 5.71 -5.52
C ASP B 147 -1.84 5.07 -6.88
N LYS B 148 -0.87 4.47 -7.54
CA LYS B 148 -1.13 3.90 -8.87
C LYS B 148 -2.14 2.75 -8.86
N ASP B 149 -2.28 2.01 -7.75
CA ASP B 149 -3.20 0.91 -7.70
C ASP B 149 -4.57 1.24 -7.14
N GLY B 150 -4.80 2.46 -6.68
CA GLY B 150 -6.11 2.80 -6.12
C GLY B 150 -6.05 2.87 -4.60
N TYR B 151 -4.88 2.59 -4.02
CA TYR B 151 -4.81 2.70 -2.55
C TYR B 151 -4.84 4.15 -2.15
N VAL B 152 -5.58 4.42 -1.08
CA VAL B 152 -5.78 5.78 -0.63
C VAL B 152 -4.54 6.34 0.08
N LEU B 153 -4.27 7.59 -0.26
CA LEU B 153 -3.20 8.38 0.32
C LEU B 153 -3.77 9.30 1.39
N TYR B 154 -4.84 10.00 1.03
CA TYR B 154 -5.47 10.91 1.96
C TYR B 154 -6.86 11.32 1.54
N PHE B 155 -7.72 11.56 2.52
CA PHE B 155 -9.07 12.08 2.28
C PHE B 155 -9.05 13.50 2.88
N SER B 156 -9.61 14.49 2.20
CA SER B 156 -9.58 15.82 2.80
C SER B 156 -10.56 16.77 2.16
N ARG B 157 -10.90 17.80 2.93
CA ARG B 157 -11.75 18.88 2.43
C ARG B 157 -10.85 19.91 1.75
N SER B 158 -9.54 19.79 2.05
CA SER B 158 -8.59 20.73 1.48
C SER B 158 -8.47 20.47 -0.03
N VAL B 159 -8.05 21.50 -0.74
CA VAL B 159 -7.87 21.44 -2.19
C VAL B 159 -6.66 20.59 -2.55
N ILE B 160 -6.83 19.31 -2.81
CA ILE B 160 -5.71 18.43 -3.11
C ILE B 160 -6.04 17.50 -4.28
N PRO B 161 -5.04 17.20 -5.10
CA PRO B 161 -3.73 17.80 -5.05
C PRO B 161 -3.68 19.28 -5.42
N TYR B 162 -2.82 20.04 -4.75
CA TYR B 162 -2.65 21.45 -5.07
C TYR B 162 -1.94 21.60 -6.41
N ASP B 163 -2.46 22.45 -7.27
CA ASP B 163 -1.84 22.74 -8.56
C ASP B 163 -0.98 24.00 -8.42
N ARG B 164 0.30 23.84 -8.13
CA ARG B 164 1.16 24.98 -7.86
C ARG B 164 1.14 26.03 -8.94
N ASP B 165 1.35 25.70 -10.20
CA ASP B 165 1.45 26.69 -11.26
C ASP B 165 0.19 27.46 -11.55
N GLN B 166 -0.97 26.83 -11.33
CA GLN B 166 -2.21 27.50 -11.74
C GLN B 166 -2.87 28.19 -10.56
N PHE B 167 -2.65 27.68 -9.35
CA PHE B 167 -3.37 28.13 -8.18
C PHE B 167 -2.66 29.16 -7.34
N ASN B 169 -0.82 31.77 -7.89
CA ASN B 169 -0.99 33.16 -8.27
C ASN B 169 -2.13 33.37 -9.24
N LEU B 170 -3.29 32.74 -9.03
CA LEU B 170 -4.33 32.95 -10.03
C LEU B 170 -5.35 33.99 -9.62
N GLN B 171 -6.00 34.57 -10.64
CA GLN B 171 -7.03 35.56 -10.46
C GLN B 171 -8.42 34.96 -10.65
N ASP B 172 -8.72 34.52 -11.87
CA ASP B 172 -10.03 34.01 -12.21
C ASP B 172 -10.30 32.56 -11.88
N VAL B 173 -11.14 32.35 -10.87
CA VAL B 173 -11.59 31.01 -10.49
C VAL B 173 -12.41 30.40 -11.63
N GLN B 174 -13.08 31.25 -12.39
CA GLN B 174 -13.84 30.86 -13.56
C GLN B 174 -12.92 30.52 -14.72
N LYS B 175 -11.74 31.16 -14.75
CA LYS B 175 -10.76 30.82 -15.79
C LYS B 175 -10.15 29.46 -15.46
N VAL B 176 -10.16 29.09 -14.17
CA VAL B 176 -9.62 27.84 -13.73
C VAL B 176 -10.08 26.67 -14.61
N GLN B 177 -9.11 25.87 -14.96
CA GLN B 177 -9.29 24.62 -15.68
C GLN B 177 -8.54 23.55 -14.90
N LEU B 178 -9.20 22.46 -14.52
CA LEU B 178 -8.61 21.46 -13.67
C LEU B 178 -7.99 20.30 -14.42
N SER B 179 -6.79 19.90 -13.98
CA SER B 179 -6.15 18.70 -14.52
C SER B 179 -7.08 17.52 -14.15
N ASP B 180 -6.89 16.39 -14.79
CA ASP B 180 -7.65 15.19 -14.43
C ASP B 180 -6.98 14.50 -13.25
N ALA B 181 -6.94 15.14 -12.08
CA ALA B 181 -6.24 14.56 -10.93
C ALA B 181 -7.13 14.55 -9.70
N TYR B 182 -8.35 15.04 -9.86
CA TYR B 182 -9.30 15.25 -8.80
C TYR B 182 -10.37 14.20 -8.69
N LEU B 183 -10.68 13.82 -7.45
CA LEU B 183 -11.66 12.81 -7.13
C LEU B 183 -12.55 13.25 -5.96
N ARG B 184 -13.86 13.14 -6.14
CA ARG B 184 -14.77 13.44 -5.04
C ARG B 184 -15.24 12.10 -4.43
N HIS B 185 -15.05 11.97 -3.14
CA HIS B 185 -15.39 10.77 -2.42
C HIS B 185 -16.89 10.55 -2.30
N ILE B 186 -17.38 9.35 -2.63
CA ILE B 186 -18.80 9.04 -2.48
C ILE B 186 -19.04 8.52 -1.06
N GLY B 187 -20.20 8.82 -0.49
CA GLY B 187 -20.50 8.33 0.87
C GLY B 187 -20.91 6.86 0.87
N ILE B 188 -20.03 5.97 0.46
CA ILE B 188 -20.33 4.54 0.40
C ILE B 188 -19.09 3.73 0.78
N TYR B 189 -19.21 2.82 1.73
CA TYR B 189 -18.10 2.01 2.17
C TYR B 189 -18.41 0.50 2.11
N ALA B 190 -17.35 -0.29 2.19
CA ALA B 190 -17.48 -1.74 2.26
C ALA B 190 -16.43 -2.30 3.20
N TYR B 191 -16.86 -2.98 4.26
CA TYR B 191 -15.99 -3.60 5.23
C TYR B 191 -16.69 -4.76 5.93
N ARG B 192 -15.92 -5.75 6.37
CA ARG B 192 -16.50 -6.91 7.05
C ARG B 192 -16.92 -6.55 8.45
N ALA B 193 -17.98 -7.13 9.00
CA ALA B 193 -18.44 -6.81 10.35
C ALA B 193 -17.34 -6.83 11.39
N GLY B 194 -16.39 -7.74 11.31
CA GLY B 194 -15.26 -7.79 12.24
C GLY B 194 -14.44 -6.50 12.19
N PHE B 195 -14.25 -5.94 10.99
CA PHE B 195 -13.54 -4.70 10.82
C PHE B 195 -14.28 -3.51 11.41
N ILE B 196 -15.60 -3.46 11.20
CA ILE B 196 -16.42 -2.42 11.83
C ILE B 196 -16.20 -2.45 13.34
N LYS B 197 -16.25 -3.66 13.92
CA LYS B 197 -15.95 -3.86 15.33
C LYS B 197 -14.52 -3.45 15.64
N GLN B 198 -13.59 -3.61 14.72
CA GLN B 198 -12.20 -3.15 14.91
C GLN B 198 -12.16 -1.61 14.95
N TYR B 199 -12.96 -0.97 14.10
CA TYR B 199 -13.04 0.48 14.03
C TYR B 199 -13.29 1.14 15.39
N VAL B 200 -14.14 0.51 16.17
CA VAL B 200 -14.57 0.92 17.49
C VAL B 200 -13.58 0.56 18.57
N GLN B 201 -12.68 -0.36 18.30
CA GLN B 201 -11.62 -0.67 19.27
C GLN B 201 -10.57 0.43 19.27
N TRP B 202 -10.42 1.08 18.12
CA TRP B 202 -9.43 2.15 17.99
C TRP B 202 -9.99 3.38 18.70
N ALA B 203 -9.10 4.12 19.35
CA ALA B 203 -9.57 5.36 20.00
C ALA B 203 -9.93 6.36 18.92
N PRO B 204 -10.86 7.25 19.21
CA PRO B 204 -11.21 8.33 18.26
C PRO B 204 -9.96 9.14 18.01
N THR B 205 -9.74 9.68 16.84
CA THR B 205 -8.49 10.42 16.61
C THR B 205 -8.73 11.91 16.47
N GLN B 206 -7.67 12.69 16.63
CA GLN B 206 -7.71 14.14 16.41
C GLN B 206 -7.94 14.40 14.91
N LEU B 207 -7.22 13.66 14.08
CA LEU B 207 -7.33 13.75 12.64
C LEU B 207 -8.75 13.62 12.13
N GLU B 208 -9.51 12.62 12.58
CA GLU B 208 -10.89 12.47 12.10
C GLU B 208 -11.79 13.60 12.59
N ASN B 209 -11.48 14.16 13.75
CA ASN B 209 -12.27 15.21 14.33
C ASN B 209 -12.01 16.58 13.74
N LEU B 210 -10.81 16.78 13.21
CA LEU B 210 -10.43 18.02 12.58
C LEU B 210 -11.09 18.13 11.21
N GLU B 211 -10.93 17.04 10.45
CA GLU B 211 -11.45 17.00 9.10
C GLU B 211 -12.95 16.72 9.12
N LYS B 212 -13.36 16.01 10.16
CA LYS B 212 -14.77 15.59 10.26
C LYS B 212 -15.06 14.51 9.22
N LEU B 213 -14.09 13.64 9.05
CA LEU B 213 -14.15 12.52 8.11
C LEU B 213 -13.85 11.25 8.90
N GLU B 214 -14.85 10.40 9.09
CA GLU B 214 -14.70 9.19 9.87
C GLU B 214 -13.63 8.24 9.37
N GLN B 215 -13.42 8.14 8.07
CA GLN B 215 -12.46 7.27 7.44
C GLN B 215 -11.02 7.58 7.79
N LEU B 216 -10.71 8.70 8.40
CA LEU B 216 -9.32 9.01 8.74
C LEU B 216 -8.81 8.16 9.88
N ARG B 217 -9.71 7.65 10.73
CA ARG B 217 -9.31 6.72 11.78
C ARG B 217 -8.62 5.49 11.17
N VAL B 218 -9.15 4.99 10.07
CA VAL B 218 -8.57 3.82 9.40
C VAL B 218 -7.13 4.16 8.94
N LEU B 219 -7.02 5.27 8.24
CA LEU B 219 -5.77 5.77 7.70
C LEU B 219 -4.78 6.09 8.80
N TYR B 220 -5.24 6.75 9.87
CA TYR B 220 -4.37 7.01 11.01
C TYR B 220 -3.93 5.74 11.70
N ASN B 221 -4.67 4.64 11.61
CA ASN B 221 -4.24 3.43 12.30
C ASN B 221 -3.47 2.48 11.40
N GLY B 222 -2.94 2.99 10.30
CA GLY B 222 -2.12 2.23 9.39
C GLY B 222 -2.81 1.11 8.66
N GLU B 223 -4.11 1.23 8.41
CA GLU B 223 -4.82 0.16 7.67
C GLU B 223 -5.17 0.72 6.30
N ARG B 224 -5.00 0.00 5.22
CA ARG B 224 -5.24 0.64 3.93
C ARG B 224 -6.67 0.54 3.44
N ILE B 225 -7.05 1.56 2.68
CA ILE B 225 -8.36 1.65 2.08
C ILE B 225 -8.23 1.75 0.56
N HIS B 226 -9.05 0.98 -0.15
CA HIS B 226 -9.05 1.05 -1.60
C HIS B 226 -10.21 1.88 -2.12
N VAL B 227 -9.89 2.87 -2.92
CA VAL B 227 -10.90 3.70 -3.59
C VAL B 227 -10.71 3.60 -5.10
N GLU B 228 -11.80 3.68 -5.84
CA GLU B 228 -11.72 3.58 -7.31
C GLU B 228 -12.89 4.33 -7.93
N LEU B 229 -12.85 4.58 -9.23
CA LEU B 229 -13.95 5.30 -9.87
C LEU B 229 -15.16 4.36 -10.02
N ALA B 230 -16.30 4.85 -9.57
CA ALA B 230 -17.55 4.12 -9.64
C ALA B 230 -17.96 3.92 -11.10
N LYS B 231 -18.51 2.76 -11.44
CA LYS B 231 -18.97 2.50 -12.81
C LYS B 231 -19.89 3.63 -13.28
N GLU B 232 -20.79 4.06 -12.42
CA GLU B 232 -21.75 5.11 -12.72
C GLU B 232 -21.65 6.26 -11.72
N VAL B 233 -21.87 7.48 -12.19
CA VAL B 233 -21.73 8.69 -11.41
C VAL B 233 -22.92 9.01 -10.52
N PRO B 234 -22.76 8.79 -9.22
CA PRO B 234 -23.82 9.05 -8.26
C PRO B 234 -24.08 10.54 -8.14
N ALA B 235 -25.36 10.92 -8.24
CA ALA B 235 -25.69 12.35 -8.06
C ALA B 235 -25.11 12.80 -6.71
N VAL B 236 -24.85 14.09 -6.58
CA VAL B 236 -24.32 14.61 -5.31
C VAL B 236 -25.32 14.25 -4.20
N GLY B 237 -24.80 13.85 -3.05
CA GLY B 237 -25.68 13.51 -1.93
C GLY B 237 -26.38 14.75 -1.40
N VAL B 238 -26.65 14.75 -0.10
CA VAL B 238 -27.31 15.89 0.54
C VAL B 238 -26.56 16.28 1.82
N ASP B 239 -26.02 17.49 1.85
CA ASP B 239 -25.31 17.98 3.04
C ASP B 239 -25.87 19.36 3.43
N THR B 240 -26.08 20.18 2.40
CA THR B 240 -26.63 21.51 2.60
C THR B 240 -28.05 21.57 2.06
N ALA B 241 -28.76 22.66 2.38
CA ALA B 241 -30.13 22.86 1.92
C ALA B 241 -30.21 22.94 0.40
N GLU B 242 -29.11 23.28 -0.23
CA GLU B 242 -28.94 23.38 -1.66
C GLU B 242 -28.64 22.01 -2.27
N ASP B 243 -27.96 21.18 -1.49
CA ASP B 243 -27.66 19.80 -1.91
C ASP B 243 -29.00 19.07 -2.14
N LEU B 244 -29.94 19.34 -1.25
CA LEU B 244 -31.29 18.80 -1.35
C LEU B 244 -31.97 19.34 -2.62
N GLU B 245 -31.90 20.66 -2.79
CA GLU B 245 -32.48 21.34 -3.94
C GLU B 245 -31.92 20.82 -5.27
N LYS B 246 -30.62 20.55 -5.28
CA LYS B 246 -29.93 20.00 -6.43
C LYS B 246 -30.43 18.60 -6.77
N VAL B 247 -30.73 17.82 -5.73
CA VAL B 247 -31.21 16.47 -5.84
C VAL B 247 -32.70 16.42 -6.15
N ARG B 248 -33.44 17.47 -5.80
CA ARG B 248 -34.88 17.51 -6.11
C ARG B 248 -35.03 17.56 -7.63
N ALA B 249 -34.24 18.43 -8.25
CA ALA B 249 -34.22 18.58 -9.70
C ALA B 249 -33.53 17.38 -10.35
N SER C 2 15.66 -37.66 3.51
CA SER C 2 16.63 -36.59 3.71
C SER C 2 16.58 -35.58 2.57
N PHE C 3 16.42 -34.32 2.90
CA PHE C 3 16.39 -33.26 1.90
C PHE C 3 16.91 -31.94 2.47
N THR C 4 17.39 -31.09 1.56
CA THR C 4 17.96 -29.80 1.92
C THR C 4 16.99 -28.65 1.69
N VAL C 5 16.94 -27.71 2.63
CA VAL C 5 16.10 -26.53 2.46
C VAL C 5 16.95 -25.29 2.21
N ILE C 6 16.72 -24.65 1.07
CA ILE C 6 17.39 -23.37 0.81
C ILE C 6 16.36 -22.25 1.01
N ILE C 7 16.69 -21.28 1.86
CA ILE C 7 15.75 -20.19 2.13
C ILE C 7 16.27 -18.88 1.55
N PRO C 8 15.86 -18.57 0.33
CA PRO C 8 16.22 -17.29 -0.28
C PRO C 8 15.75 -16.18 0.64
N ALA C 9 16.67 -15.33 1.10
CA ALA C 9 16.30 -14.29 2.05
C ALA C 9 15.78 -13.05 1.36
N ARG C 10 14.53 -13.13 0.86
CA ARG C 10 13.93 -11.96 0.23
C ARG C 10 13.97 -10.79 1.22
N PHE C 11 14.89 -9.88 0.98
CA PHE C 11 15.10 -8.68 1.77
C PHE C 11 14.15 -7.58 1.28
N ALA C 12 13.73 -7.78 0.02
CA ALA C 12 13.04 -6.78 -0.70
C ALA C 12 11.55 -6.83 -0.87
N SER C 13 11.17 -5.53 -0.99
CA SER C 13 9.78 -5.15 -0.99
C SER C 13 9.61 -3.64 -1.16
N SER C 14 8.42 -3.34 -1.68
CA SER C 14 7.96 -1.98 -1.86
C SER C 14 7.06 -1.61 -0.68
N ARG C 15 6.72 -2.60 0.14
CA ARG C 15 5.88 -2.32 1.31
C ARG C 15 6.62 -2.61 2.60
N LEU C 16 7.66 -3.44 2.55
CA LEU C 16 8.38 -3.79 3.78
C LEU C 16 9.86 -4.04 3.61
N PRO C 17 10.63 -3.02 3.27
CA PRO C 17 12.08 -3.12 3.17
C PRO C 17 12.68 -3.64 4.48
N GLY C 18 13.67 -4.51 4.39
CA GLY C 18 14.32 -5.10 5.55
C GLY C 18 13.42 -6.10 6.26
N LYS C 19 12.54 -6.73 5.48
CA LYS C 19 11.57 -7.66 6.04
C LYS C 19 12.21 -8.86 6.71
N PRO C 20 13.25 -9.45 6.16
CA PRO C 20 13.95 -10.54 6.81
C PRO C 20 14.14 -10.31 8.30
N LEU C 21 14.59 -9.13 8.71
CA LEU C 21 14.81 -8.82 10.11
C LEU C 21 13.62 -8.26 10.84
N ALA C 22 12.46 -8.14 10.22
CA ALA C 22 11.28 -7.62 10.96
C ALA C 22 11.05 -8.45 12.21
N ASP C 23 11.14 -7.82 13.39
CA ASP C 23 10.92 -8.58 14.61
C ASP C 23 9.50 -9.14 14.66
N ILE C 24 9.41 -10.44 14.94
CA ILE C 24 8.15 -11.11 15.16
C ILE C 24 8.23 -11.87 16.49
N LYS C 25 7.72 -11.27 17.54
CA LYS C 25 7.69 -11.81 18.89
C LYS C 25 9.03 -12.25 19.44
N GLY C 26 10.07 -11.42 19.27
CA GLY C 26 11.37 -11.70 19.83
C GLY C 26 12.38 -12.32 18.88
N LYS C 27 11.92 -12.85 17.75
CA LYS C 27 12.78 -13.43 16.74
C LYS C 27 12.47 -12.75 15.38
N PRO C 28 13.52 -12.51 14.62
CA PRO C 28 13.37 -11.94 13.28
C PRO C 28 12.60 -12.92 12.40
N ILE C 30 13.03 -14.17 9.37
CA ILE C 30 13.85 -15.22 8.78
C ILE C 30 14.06 -16.40 9.71
N GLN C 31 14.31 -16.16 10.99
CA GLN C 31 14.46 -17.21 11.98
C GLN C 31 13.19 -18.03 12.14
N HIS C 32 12.02 -17.40 12.11
CA HIS C 32 10.76 -18.13 12.20
C HIS C 32 10.66 -19.13 11.04
N VAL C 33 11.06 -18.65 9.86
CA VAL C 33 11.11 -19.43 8.65
C VAL C 33 12.12 -20.56 8.80
N PHE C 34 13.29 -20.20 9.31
CA PHE C 34 14.37 -21.15 9.58
C PHE C 34 13.84 -22.35 10.34
N GLU C 35 13.31 -22.08 11.53
CA GLU C 35 12.72 -23.10 12.40
C GLU C 35 11.61 -23.84 11.69
N LYS C 36 10.83 -23.15 10.86
CA LYS C 36 9.85 -23.85 10.03
C LYS C 36 10.55 -24.91 9.19
N ALA C 37 11.63 -24.54 8.53
CA ALA C 37 12.42 -25.48 7.74
C ALA C 37 12.80 -26.68 8.59
N LEU C 38 13.43 -26.47 9.74
CA LEU C 38 13.82 -27.57 10.61
C LEU C 38 12.64 -28.43 11.03
N GLN C 39 11.49 -27.82 11.28
CA GLN C 39 10.30 -28.58 11.65
C GLN C 39 9.82 -29.45 10.50
N SER C 40 10.16 -29.08 9.27
CA SER C 40 9.76 -29.86 8.10
C SER C 40 10.43 -31.24 8.12
N GLY C 41 11.61 -31.27 8.73
CA GLY C 41 12.39 -32.49 8.84
C GLY C 41 13.63 -32.41 7.98
N ALA C 42 14.06 -31.21 7.59
CA ALA C 42 15.27 -31.08 6.78
C ALA C 42 16.53 -31.41 7.57
N SER C 43 17.53 -31.91 6.86
CA SER C 43 18.81 -32.30 7.44
C SER C 43 19.79 -31.13 7.32
N ARG C 44 19.40 -30.23 6.43
CA ARG C 44 20.19 -29.07 6.08
C ARG C 44 19.30 -27.90 5.67
N VAL C 45 19.48 -26.81 6.40
CA VAL C 45 18.76 -25.58 6.13
C VAL C 45 19.79 -24.46 5.93
N ILE C 46 19.78 -23.92 4.73
CA ILE C 46 20.74 -22.88 4.35
C ILE C 46 20.05 -21.54 4.14
N ILE C 47 20.53 -20.45 4.72
CA ILE C 47 19.98 -19.14 4.40
C ILE C 47 20.78 -18.50 3.26
N ALA C 48 20.10 -18.09 2.20
CA ALA C 48 20.81 -17.50 1.06
C ALA C 48 20.53 -16.02 0.91
N THR C 49 21.59 -15.21 0.77
CA THR C 49 21.39 -13.77 0.68
C THR C 49 22.61 -12.98 0.25
N ASP C 50 22.33 -11.78 -0.26
CA ASP C 50 23.36 -10.82 -0.63
C ASP C 50 23.63 -9.91 0.57
N ASN C 51 22.57 -9.54 1.25
CA ASN C 51 22.64 -8.69 2.41
C ASN C 51 23.54 -9.22 3.51
N GLU C 52 24.66 -8.55 3.76
CA GLU C 52 25.58 -8.94 4.81
C GLU C 52 24.99 -8.87 6.20
N ASN C 53 24.20 -7.85 6.50
CA ASN C 53 23.56 -7.77 7.81
C ASN C 53 22.73 -9.02 8.06
N VAL C 54 21.93 -9.42 7.07
CA VAL C 54 21.13 -10.64 7.23
C VAL C 54 22.01 -11.84 7.48
N ALA C 55 23.10 -12.01 6.72
CA ALA C 55 24.00 -13.14 6.92
C ALA C 55 24.44 -13.23 8.37
N ASP C 56 24.97 -12.14 8.92
CA ASP C 56 25.35 -12.06 10.32
C ASP C 56 24.18 -12.45 11.23
N VAL C 57 23.02 -11.81 11.09
CA VAL C 57 21.86 -12.20 11.89
C VAL C 57 21.63 -13.70 11.74
N ALA C 58 21.49 -14.16 10.49
CA ALA C 58 21.29 -15.60 10.26
C ALA C 58 22.33 -16.38 11.05
N LYS C 59 23.61 -16.11 10.84
CA LYS C 59 24.65 -16.79 11.60
C LYS C 59 24.39 -16.75 13.10
N SER C 60 23.97 -15.63 13.65
CA SER C 60 23.70 -15.46 15.06
C SER C 60 22.70 -16.44 15.63
N PHE C 61 21.82 -17.02 14.81
CA PHE C 61 20.90 -18.03 15.31
C PHE C 61 21.30 -19.41 14.81
N GLY C 62 22.56 -19.54 14.42
CA GLY C 62 23.19 -20.76 14.05
C GLY C 62 22.82 -21.38 12.73
N ALA C 63 22.56 -20.56 11.72
CA ALA C 63 22.19 -21.08 10.41
C ALA C 63 23.41 -21.22 9.51
N GLU C 64 23.40 -22.22 8.64
CA GLU C 64 24.45 -22.26 7.61
C GLU C 64 24.08 -21.17 6.59
N VAL C 65 25.02 -20.28 6.29
CA VAL C 65 24.77 -19.17 5.38
C VAL C 65 25.60 -19.25 4.11
N CYS C 66 24.95 -18.99 2.97
CA CYS C 66 25.64 -18.94 1.70
C CYS C 66 25.39 -17.62 0.97
N THR C 68 24.87 -15.09 -1.76
CA THR C 68 24.49 -15.19 -3.17
C THR C 68 24.80 -13.89 -3.90
N SER C 69 25.33 -14.03 -5.10
CA SER C 69 25.65 -12.86 -5.92
C SER C 69 24.43 -11.94 -6.03
N VAL C 70 24.69 -10.66 -6.24
CA VAL C 70 23.62 -9.67 -6.40
C VAL C 70 23.10 -9.70 -7.84
N ASN C 71 23.88 -10.31 -8.72
CA ASN C 71 23.54 -10.47 -10.12
C ASN C 71 22.72 -11.72 -10.40
N HIS C 72 21.50 -11.75 -9.88
CA HIS C 72 20.55 -12.83 -10.13
C HIS C 72 19.18 -12.21 -10.47
N ASN C 73 18.61 -12.63 -11.58
CA ASN C 73 17.32 -12.05 -12.01
C ASN C 73 16.20 -13.03 -11.71
N SER C 74 16.57 -14.32 -11.62
CA SER C 74 15.64 -15.38 -11.33
C SER C 74 15.95 -16.05 -9.99
N GLY C 75 14.89 -16.43 -9.27
CA GLY C 75 15.03 -17.15 -8.01
C GLY C 75 15.73 -18.49 -8.24
N THR C 76 15.45 -19.12 -9.37
CA THR C 76 16.07 -20.37 -9.78
C THR C 76 17.57 -20.21 -9.98
N GLU C 77 17.98 -19.14 -10.64
CA GLU C 77 19.38 -18.86 -10.90
C GLU C 77 20.19 -18.80 -9.62
N ARG C 78 19.62 -18.15 -8.60
CA ARG C 78 20.25 -18.04 -7.30
C ARG C 78 20.45 -19.43 -6.69
N LEU C 79 19.37 -20.22 -6.62
CA LEU C 79 19.46 -21.59 -6.14
C LEU C 79 20.61 -22.34 -6.83
N ALA C 80 20.80 -22.09 -8.13
CA ALA C 80 21.85 -22.72 -8.90
C ALA C 80 23.22 -22.35 -8.33
N GLU C 81 23.34 -21.10 -7.89
CA GLU C 81 24.55 -20.59 -7.28
C GLU C 81 24.83 -21.32 -5.97
N VAL C 82 23.79 -21.55 -5.17
CA VAL C 82 23.98 -22.26 -3.92
C VAL C 82 24.56 -23.64 -4.12
N VAL C 83 23.89 -24.52 -4.85
CA VAL C 83 24.38 -25.86 -5.09
C VAL C 83 25.81 -25.85 -5.62
N GLU C 84 26.09 -24.90 -6.50
CA GLU C 84 27.39 -24.71 -7.08
C GLU C 84 28.44 -24.37 -6.04
N LYS C 85 28.26 -23.26 -5.32
CA LYS C 85 29.21 -22.86 -4.30
C LYS C 85 29.34 -23.91 -3.20
N LEU C 86 28.24 -24.54 -2.84
CA LEU C 86 28.24 -25.51 -1.77
C LEU C 86 28.51 -26.92 -2.22
N ALA C 87 28.70 -27.13 -3.53
CA ALA C 87 29.02 -28.45 -4.05
C ALA C 87 27.99 -29.48 -3.61
N ILE C 88 26.72 -29.16 -3.78
CA ILE C 88 25.67 -30.13 -3.41
C ILE C 88 25.62 -31.22 -4.46
N PRO C 89 25.53 -32.47 -4.04
CA PRO C 89 25.51 -33.61 -4.94
C PRO C 89 24.31 -33.58 -5.87
N ASP C 90 24.50 -33.98 -7.12
CA ASP C 90 23.50 -33.96 -8.15
C ASP C 90 22.15 -34.50 -7.77
N ASN C 91 22.04 -35.62 -7.06
CA ASN C 91 20.71 -36.10 -6.70
C ASN C 91 20.28 -35.76 -5.29
N GLU C 92 20.65 -34.60 -4.77
CA GLU C 92 20.19 -34.18 -3.45
C GLU C 92 18.86 -33.45 -3.58
N ILE C 93 17.83 -33.92 -2.89
CA ILE C 93 16.54 -33.24 -2.96
C ILE C 93 16.69 -31.82 -2.43
N ILE C 94 16.22 -30.82 -3.17
CA ILE C 94 16.29 -29.43 -2.73
C ILE C 94 14.92 -28.76 -2.74
N VAL C 95 14.53 -28.27 -1.56
CA VAL C 95 13.26 -27.58 -1.36
C VAL C 95 13.48 -26.09 -1.06
N ASN C 96 12.78 -25.26 -1.79
CA ASN C 96 12.86 -23.82 -1.76
C ASN C 96 11.79 -23.20 -0.89
N ILE C 97 12.08 -22.79 0.33
CA ILE C 97 11.10 -22.10 1.16
C ILE C 97 11.40 -20.61 1.15
N GLN C 98 10.39 -19.80 0.85
CA GLN C 98 10.64 -18.34 0.83
C GLN C 98 10.91 -17.82 2.22
N GLY C 99 11.86 -16.89 2.30
CA GLY C 99 12.29 -16.30 3.55
C GLY C 99 11.23 -15.45 4.21
N ASP C 100 10.15 -15.12 3.50
CA ASP C 100 9.12 -14.29 4.06
C ASP C 100 7.89 -15.06 4.47
N GLU C 101 7.95 -16.38 4.57
CA GLU C 101 6.77 -17.14 5.04
C GLU C 101 7.00 -17.73 6.41
N PRO C 102 6.79 -16.94 7.46
CA PRO C 102 7.00 -17.42 8.81
C PRO C 102 6.01 -18.47 9.25
N LEU C 103 4.89 -18.62 8.55
CA LEU C 103 3.90 -19.61 8.90
C LEU C 103 3.84 -20.79 7.95
N ILE C 104 4.78 -20.92 7.02
CA ILE C 104 4.75 -22.05 6.10
C ILE C 104 4.55 -23.36 6.85
N PRO C 105 3.53 -24.12 6.45
CA PRO C 105 3.25 -25.38 7.11
C PRO C 105 4.39 -26.35 6.84
N PRO C 106 5.05 -26.80 7.91
CA PRO C 106 6.16 -27.72 7.78
C PRO C 106 5.82 -28.90 6.88
N VAL C 107 4.73 -29.59 7.21
CA VAL C 107 4.24 -30.76 6.51
C VAL C 107 4.31 -30.70 5.00
N ILE C 108 3.92 -29.58 4.38
CA ILE C 108 3.94 -29.49 2.94
C ILE C 108 5.34 -29.33 2.37
N VAL C 109 6.30 -28.92 3.20
CA VAL C 109 7.69 -28.81 2.75
C VAL C 109 8.22 -30.22 2.50
N ARG C 110 7.89 -31.11 3.43
CA ARG C 110 8.22 -32.51 3.36
C ARG C 110 7.36 -33.22 2.32
N GLN C 111 6.16 -32.70 2.13
CA GLN C 111 5.29 -33.30 1.10
C GLN C 111 5.91 -33.09 -0.27
N VAL C 112 6.35 -31.86 -0.59
CA VAL C 112 6.93 -31.65 -1.92
C VAL C 112 8.22 -32.45 -2.06
N ALA C 113 9.04 -32.45 -1.01
CA ALA C 113 10.31 -33.17 -1.03
C ALA C 113 10.11 -34.65 -1.32
N ASP C 114 9.13 -35.25 -0.67
CA ASP C 114 8.80 -36.66 -0.85
C ASP C 114 8.24 -36.94 -2.23
N ASN C 115 7.31 -36.09 -2.67
CA ASN C 115 6.76 -36.25 -4.03
C ASN C 115 7.86 -36.46 -5.05
N LEU C 116 8.89 -35.61 -4.99
CA LEU C 116 10.03 -35.72 -5.87
C LEU C 116 10.45 -37.15 -6.15
N ALA C 117 10.77 -37.90 -5.09
CA ALA C 117 11.21 -39.28 -5.24
C ALA C 117 10.04 -40.21 -5.55
N LYS C 118 8.89 -39.94 -4.96
CA LYS C 118 7.69 -40.73 -5.12
C LYS C 118 7.20 -40.82 -6.55
N PHE C 119 7.27 -39.77 -7.35
CA PHE C 119 6.80 -39.83 -8.73
C PHE C 119 7.96 -39.79 -9.72
N ASN C 120 9.16 -40.02 -9.21
CA ASN C 120 10.34 -40.04 -10.04
C ASN C 120 10.46 -38.82 -10.93
N VAL C 121 10.50 -37.65 -10.30
CA VAL C 121 10.64 -36.40 -11.04
C VAL C 121 11.81 -35.59 -10.52
N ASN C 122 12.29 -34.64 -11.32
CA ASN C 122 13.37 -33.76 -10.90
C ASN C 122 12.83 -32.45 -10.38
N ALA C 124 9.13 -31.04 -8.41
CA ALA C 124 7.74 -31.11 -7.97
C ALA C 124 7.37 -29.79 -7.30
N SER C 125 6.10 -29.41 -7.38
CA SER C 125 5.61 -28.25 -6.69
C SER C 125 4.23 -28.55 -6.09
N LEU C 126 3.60 -27.56 -5.49
CA LEU C 126 2.28 -27.77 -4.91
C LEU C 126 1.25 -26.84 -5.53
N ALA C 127 0.01 -27.00 -5.09
CA ALA C 127 -1.09 -26.19 -5.56
C ALA C 127 -2.26 -26.28 -4.57
N VAL C 128 -3.12 -25.27 -4.60
CA VAL C 128 -4.30 -25.31 -3.69
C VAL C 128 -5.54 -25.02 -4.50
N LYS C 129 -6.72 -25.23 -3.93
CA LYS C 129 -7.96 -25.04 -4.67
C LYS C 129 -8.34 -23.58 -4.87
N ILE C 130 -9.11 -23.34 -5.92
CA ILE C 130 -9.68 -22.04 -6.24
C ILE C 130 -11.21 -22.12 -6.03
N HIS C 131 -11.80 -21.09 -5.44
CA HIS C 131 -13.25 -21.07 -5.23
C HIS C 131 -13.89 -19.90 -5.95
N ASP C 132 -13.18 -18.78 -6.07
CA ASP C 132 -13.71 -17.58 -6.66
C ASP C 132 -13.42 -17.41 -8.15
N ALA C 133 -14.51 -17.11 -8.87
CA ALA C 133 -14.44 -16.82 -10.29
C ALA C 133 -13.35 -15.78 -10.56
N GLU C 134 -13.51 -14.60 -9.98
CA GLU C 134 -12.56 -13.50 -10.11
C GLU C 134 -11.13 -14.00 -10.28
N GLU C 135 -10.64 -14.75 -9.30
CA GLU C 135 -9.32 -15.33 -9.32
C GLU C 135 -8.99 -16.03 -10.62
N LEU C 136 -9.87 -16.92 -11.08
CA LEU C 136 -9.69 -17.65 -12.30
C LEU C 136 -9.43 -16.81 -13.53
N PHE C 137 -9.84 -15.54 -13.54
CA PHE C 137 -9.61 -14.64 -14.66
C PHE C 137 -8.46 -13.69 -14.37
N ASN C 138 -7.90 -13.83 -13.18
CA ASN C 138 -6.77 -13.03 -12.74
C ASN C 138 -5.48 -13.58 -13.31
N PRO C 139 -4.86 -12.86 -14.23
CA PRO C 139 -3.63 -13.25 -14.87
C PRO C 139 -2.39 -13.10 -14.01
N ASN C 140 -2.54 -13.13 -12.70
CA ASN C 140 -1.48 -13.09 -11.71
C ASN C 140 -1.65 -14.35 -10.83
N ALA C 141 -2.88 -14.86 -10.90
CA ALA C 141 -3.25 -16.03 -10.12
C ALA C 141 -3.00 -17.30 -10.93
N VAL C 142 -1.73 -17.66 -11.08
CA VAL C 142 -1.29 -18.76 -11.88
C VAL C 142 -2.03 -20.07 -11.65
N LYS C 143 -2.76 -20.51 -12.69
CA LYS C 143 -3.47 -21.77 -12.63
C LYS C 143 -2.63 -22.83 -13.37
N VAL C 144 -2.88 -24.08 -13.03
CA VAL C 144 -2.09 -25.18 -13.62
C VAL C 144 -2.90 -26.47 -13.60
N LEU C 145 -2.55 -27.41 -14.48
CA LEU C 145 -3.29 -28.66 -14.57
C LEU C 145 -2.42 -29.89 -14.73
N THR C 146 -2.83 -30.96 -14.04
CA THR C 146 -2.12 -32.23 -14.05
C THR C 146 -2.95 -33.35 -14.67
N ASP C 147 -2.30 -34.49 -14.92
CA ASP C 147 -3.01 -35.66 -15.44
C ASP C 147 -3.62 -36.42 -14.26
N LYS C 148 -4.09 -37.64 -14.49
CA LYS C 148 -4.66 -38.44 -13.41
C LYS C 148 -3.67 -38.65 -12.27
N ASP C 149 -2.38 -38.74 -12.60
CA ASP C 149 -1.33 -38.99 -11.65
C ASP C 149 -0.71 -37.77 -11.02
N GLY C 150 -1.02 -36.58 -11.54
CA GLY C 150 -0.44 -35.38 -10.95
C GLY C 150 0.72 -34.83 -11.75
N TYR C 151 1.00 -35.41 -12.91
CA TYR C 151 2.07 -34.85 -13.76
C TYR C 151 1.50 -33.67 -14.53
N VAL C 152 2.14 -32.53 -14.43
CA VAL C 152 1.70 -31.29 -15.00
C VAL C 152 1.50 -31.32 -16.51
N LEU C 153 0.38 -30.74 -16.92
CA LEU C 153 0.00 -30.52 -18.30
C LEU C 153 0.49 -29.12 -18.73
N TYR C 154 0.02 -28.13 -17.96
CA TYR C 154 0.36 -26.74 -18.26
C TYR C 154 -0.01 -25.79 -17.13
N PHE C 155 0.87 -24.81 -16.93
CA PHE C 155 0.61 -23.74 -15.97
C PHE C 155 0.15 -22.53 -16.83
N SER C 156 -0.81 -21.78 -16.33
CA SER C 156 -1.23 -20.63 -17.11
C SER C 156 -1.84 -19.49 -16.31
N ARG C 157 -1.64 -18.30 -16.90
CA ARG C 157 -2.24 -17.07 -16.46
C ARG C 157 -3.71 -17.10 -16.97
N SER C 158 -3.80 -17.56 -18.21
CA SER C 158 -5.07 -17.72 -18.90
C SER C 158 -5.92 -18.77 -18.21
N VAL C 159 -7.23 -18.60 -18.23
CA VAL C 159 -8.13 -19.55 -17.58
C VAL C 159 -7.98 -20.93 -18.23
N ILE C 160 -7.70 -21.96 -17.46
CA ILE C 160 -7.59 -23.33 -17.93
C ILE C 160 -7.88 -24.24 -16.72
N PRO C 161 -8.69 -25.25 -16.87
CA PRO C 161 -9.37 -25.61 -18.10
C PRO C 161 -10.47 -24.62 -18.45
N TYR C 162 -10.98 -24.67 -19.68
CA TYR C 162 -12.04 -23.76 -20.09
C TYR C 162 -13.41 -24.41 -20.09
N ASP C 163 -14.43 -23.60 -19.79
CA ASP C 163 -15.81 -24.07 -19.89
C ASP C 163 -16.36 -23.61 -21.26
N ARG C 164 -16.77 -24.60 -22.05
CA ARG C 164 -17.39 -24.30 -23.35
C ARG C 164 -18.77 -23.66 -23.01
N ASP C 165 -19.47 -24.47 -22.21
CA ASP C 165 -20.78 -24.12 -21.71
C ASP C 165 -20.77 -22.74 -21.04
N GLN C 166 -20.01 -22.58 -19.95
CA GLN C 166 -19.96 -21.28 -19.27
C GLN C 166 -19.45 -20.20 -20.20
N PHE C 167 -18.13 -19.97 -20.21
CA PHE C 167 -17.58 -18.93 -21.07
C PHE C 167 -18.03 -19.13 -22.52
N LEU C 178 -18.98 -23.70 -8.16
CA LEU C 178 -19.53 -24.63 -9.13
C LEU C 178 -18.48 -25.60 -9.64
N SER C 179 -17.76 -25.24 -10.70
CA SER C 179 -16.74 -26.11 -11.28
C SER C 179 -15.41 -26.02 -10.57
N ASP C 180 -15.10 -27.04 -9.74
CA ASP C 180 -13.85 -27.03 -8.99
C ASP C 180 -12.72 -27.78 -9.65
N ALA C 181 -12.66 -27.79 -10.99
CA ALA C 181 -11.55 -28.45 -11.68
C ALA C 181 -10.35 -27.52 -11.80
N TYR C 182 -10.34 -26.43 -11.04
CA TYR C 182 -9.29 -25.45 -11.09
C TYR C 182 -8.35 -25.54 -9.89
N LEU C 183 -7.06 -25.40 -10.17
CA LEU C 183 -5.99 -25.47 -9.20
C LEU C 183 -5.13 -24.20 -9.28
N ARG C 184 -4.72 -23.71 -8.11
CA ARG C 184 -3.84 -22.57 -8.03
C ARG C 184 -2.41 -23.03 -7.70
N HIS C 185 -1.47 -22.66 -8.55
CA HIS C 185 -0.07 -23.02 -8.36
C HIS C 185 0.59 -22.11 -7.33
N ILE C 186 1.51 -22.66 -6.54
CA ILE C 186 2.25 -21.87 -5.57
C ILE C 186 3.75 -22.12 -5.71
N GLY C 187 4.56 -21.07 -5.68
CA GLY C 187 5.98 -21.10 -5.81
C GLY C 187 6.81 -21.84 -4.79
N ILE C 188 6.48 -23.08 -4.46
CA ILE C 188 7.24 -23.93 -3.58
C ILE C 188 7.61 -25.22 -4.31
N TYR C 189 8.90 -25.37 -4.62
CA TYR C 189 9.41 -26.47 -5.39
C TYR C 189 10.31 -27.42 -4.61
N ALA C 190 10.42 -28.60 -5.20
CA ALA C 190 11.34 -29.64 -4.80
C ALA C 190 12.17 -29.98 -6.05
N TYR C 191 13.49 -29.91 -5.95
CA TYR C 191 14.32 -30.18 -7.10
C TYR C 191 15.44 -31.18 -6.75
N ARG C 192 15.96 -31.81 -7.79
CA ARG C 192 17.23 -32.54 -7.64
C ARG C 192 18.29 -31.45 -7.69
N ALA C 193 19.38 -31.58 -6.96
CA ALA C 193 20.42 -30.54 -7.04
C ALA C 193 20.87 -30.43 -8.51
N GLY C 194 21.22 -31.56 -9.09
CA GLY C 194 21.67 -31.70 -10.44
C GLY C 194 20.74 -31.05 -11.44
N PHE C 195 19.43 -31.25 -11.26
CA PHE C 195 18.47 -30.67 -12.16
C PHE C 195 18.47 -29.15 -12.15
N ILE C 196 18.58 -28.53 -10.98
CA ILE C 196 18.60 -27.06 -10.90
C ILE C 196 19.70 -26.51 -11.80
N LYS C 197 20.83 -27.19 -11.81
CA LYS C 197 21.95 -26.79 -12.66
C LYS C 197 21.55 -26.84 -14.13
N GLN C 198 20.88 -27.90 -14.54
CA GLN C 198 20.46 -28.10 -15.92
C GLN C 198 19.37 -27.12 -16.34
N TYR C 199 18.36 -26.94 -15.52
CA TYR C 199 17.30 -25.95 -15.80
C TYR C 199 17.96 -24.65 -16.27
N VAL C 200 18.80 -24.09 -15.40
CA VAL C 200 19.57 -22.90 -15.65
C VAL C 200 20.52 -23.01 -16.84
N GLN C 201 20.87 -24.23 -17.23
CA GLN C 201 21.74 -24.48 -18.39
C GLN C 201 20.96 -24.37 -19.71
N TRP C 202 19.65 -24.12 -19.63
CA TRP C 202 18.80 -23.95 -20.79
C TRP C 202 18.60 -22.45 -21.08
N ALA C 203 18.56 -22.10 -22.36
CA ALA C 203 18.34 -20.70 -22.73
C ALA C 203 16.97 -20.21 -22.30
N PRO C 204 16.77 -18.91 -22.36
CA PRO C 204 15.45 -18.34 -22.11
C PRO C 204 14.50 -18.96 -23.12
N THR C 205 13.20 -18.87 -22.90
CA THR C 205 12.26 -19.53 -23.83
C THR C 205 11.18 -18.60 -24.27
N GLN C 206 10.92 -18.56 -25.59
CA GLN C 206 9.84 -17.68 -26.09
C GLN C 206 8.61 -17.84 -25.20
N LEU C 207 8.12 -19.07 -25.08
CA LEU C 207 6.97 -19.38 -24.27
C LEU C 207 7.04 -18.81 -22.86
N GLU C 208 8.19 -18.90 -22.19
CA GLU C 208 8.31 -18.37 -20.83
C GLU C 208 8.29 -16.85 -20.85
N ASN C 209 8.97 -16.26 -21.83
CA ASN C 209 8.99 -14.81 -22.00
C ASN C 209 7.57 -14.27 -22.17
N LEU C 210 6.78 -14.96 -22.99
CA LEU C 210 5.40 -14.56 -23.24
C LEU C 210 4.58 -14.53 -21.96
N GLU C 211 4.32 -15.69 -21.38
CA GLU C 211 3.53 -15.80 -20.17
C GLU C 211 4.25 -15.34 -18.91
N LYS C 212 5.53 -15.03 -19.01
CA LYS C 212 6.35 -14.62 -17.86
C LYS C 212 6.38 -15.76 -16.85
N LEU C 213 6.59 -16.97 -17.35
CA LEU C 213 6.58 -18.16 -16.48
C LEU C 213 7.77 -19.05 -16.80
N GLU C 214 8.75 -19.01 -15.90
CA GLU C 214 10.01 -19.73 -16.02
C GLU C 214 9.80 -21.23 -15.97
N GLN C 215 8.83 -21.70 -15.18
CA GLN C 215 8.51 -23.11 -15.09
C GLN C 215 8.17 -23.68 -16.46
N LEU C 216 7.58 -22.86 -17.33
CA LEU C 216 7.31 -23.23 -18.69
C LEU C 216 8.56 -23.50 -19.49
N ARG C 217 9.74 -23.09 -19.05
CA ARG C 217 10.99 -23.43 -19.73
C ARG C 217 11.30 -24.92 -19.53
N VAL C 218 10.77 -25.48 -18.44
CA VAL C 218 10.95 -26.91 -18.18
C VAL C 218 9.98 -27.72 -19.01
N LEU C 219 8.69 -27.38 -18.95
CA LEU C 219 7.70 -28.04 -19.80
C LEU C 219 8.18 -28.00 -21.26
N TYR C 220 8.58 -26.82 -21.74
CA TYR C 220 9.10 -26.68 -23.08
C TYR C 220 10.28 -27.58 -23.41
N ASN C 221 11.18 -27.87 -22.48
CA ASN C 221 12.30 -28.77 -22.76
C ASN C 221 11.92 -30.22 -22.53
N GLY C 222 10.63 -30.52 -22.44
CA GLY C 222 10.15 -31.87 -22.30
C GLY C 222 10.58 -32.53 -21.01
N GLU C 223 10.53 -31.80 -19.92
CA GLU C 223 10.87 -32.34 -18.60
C GLU C 223 9.60 -32.43 -17.76
N ARG C 224 9.36 -33.58 -17.14
CA ARG C 224 8.15 -33.75 -16.35
C ARG C 224 8.24 -33.06 -15.00
N ILE C 225 7.19 -32.33 -14.68
CA ILE C 225 7.00 -31.66 -13.42
C ILE C 225 5.76 -32.27 -12.76
N HIS C 226 5.80 -32.42 -11.45
CA HIS C 226 4.69 -32.99 -10.72
C HIS C 226 4.11 -31.97 -9.74
N VAL C 227 2.85 -31.62 -9.92
CA VAL C 227 2.13 -30.75 -8.99
C VAL C 227 1.13 -31.59 -8.22
N GLU C 228 1.05 -31.41 -6.92
CA GLU C 228 0.10 -32.12 -6.06
C GLU C 228 -0.61 -31.10 -5.18
N LEU C 229 -1.74 -31.43 -4.61
CA LEU C 229 -2.53 -30.51 -3.80
C LEU C 229 -1.97 -30.36 -2.39
N ALA C 230 -1.47 -29.17 -2.08
CA ALA C 230 -0.91 -28.89 -0.75
C ALA C 230 -1.77 -29.50 0.33
N LYS C 231 -1.16 -30.19 1.30
CA LYS C 231 -1.89 -30.85 2.37
C LYS C 231 -2.42 -29.88 3.41
N GLU C 232 -2.18 -28.61 3.21
CA GLU C 232 -2.54 -27.51 4.07
C GLU C 232 -2.25 -26.23 3.27
N VAL C 233 -3.03 -25.19 3.48
CA VAL C 233 -2.78 -23.95 2.73
C VAL C 233 -1.66 -23.13 3.35
N PRO C 234 -0.66 -22.84 2.55
CA PRO C 234 0.44 -21.99 2.98
C PRO C 234 -0.06 -20.56 3.04
N ALA C 235 0.05 -19.93 4.21
CA ALA C 235 -0.37 -18.51 4.29
C ALA C 235 0.45 -17.72 3.29
N VAL C 236 -0.09 -16.64 2.76
CA VAL C 236 0.64 -15.85 1.77
C VAL C 236 1.91 -15.26 2.37
N GLY C 237 2.94 -15.13 1.53
CA GLY C 237 4.22 -14.58 1.97
C GLY C 237 4.05 -13.17 2.49
N VAL C 238 4.50 -12.95 3.72
CA VAL C 238 4.46 -11.61 4.31
C VAL C 238 5.16 -10.62 3.38
N ASP C 239 4.57 -9.44 3.21
CA ASP C 239 5.18 -8.43 2.34
C ASP C 239 4.80 -7.05 2.82
N THR C 240 4.03 -7.01 3.92
CA THR C 240 3.59 -5.77 4.52
C THR C 240 3.65 -5.84 6.06
N ALA C 241 3.38 -4.68 6.65
CA ALA C 241 3.33 -4.54 8.10
C ALA C 241 1.99 -5.06 8.61
N GLU C 242 1.01 -5.07 7.69
CA GLU C 242 -0.30 -5.64 8.03
C GLU C 242 -0.18 -7.16 8.08
N ASP C 243 0.49 -7.74 7.08
CA ASP C 243 0.74 -9.18 7.06
C ASP C 243 1.51 -9.60 8.29
N LEU C 244 2.53 -8.82 8.62
CA LEU C 244 3.33 -8.98 9.83
C LEU C 244 2.42 -8.99 11.06
N GLU C 245 1.42 -8.11 11.07
CA GLU C 245 0.43 -8.03 12.11
C GLU C 245 -0.43 -9.27 12.21
N LYS C 246 -0.94 -9.73 11.06
CA LYS C 246 -1.76 -10.96 11.07
C LYS C 246 -0.86 -12.08 11.60
N VAL C 247 0.37 -12.12 11.05
CA VAL C 247 1.39 -13.03 11.50
C VAL C 247 1.63 -12.95 13.00
N ARG C 248 1.62 -11.75 13.58
CA ARG C 248 1.84 -11.57 15.00
C ARG C 248 0.74 -12.15 15.88
N ALA C 249 -0.25 -12.81 15.33
CA ALA C 249 -1.31 -13.51 16.02
C ALA C 249 -1.18 -15.04 15.86
#